data_5EUC
#
_entry.id   5EUC
#
_cell.length_a   95.667
_cell.length_b   95.667
_cell.length_c   75.685
_cell.angle_alpha   90.000
_cell.angle_beta   90.000
_cell.angle_gamma   120.000
#
_symmetry.space_group_name_H-M   'P 31'
#
loop_
_entity.id
_entity.type
_entity.pdbx_description
1 polymer 'Hypoxanthine-guanine phosphoribosyltransferase'
2 water water
#
_entity_poly.entity_id   1
_entity_poly.type   'polypeptide(L)'
_entity_poly.pdbx_seq_one_letter_code
;MPREYEFAEKILFTEEEIRTRIKEVAKRIADDYKGKGLRPYVNPLVLISVLKGSFMFTADLCRALCDFNVPVRMEFICVS
SYGEGLTSSGQVRMLLDTRHSIEGHHVLIVEDIVDTALTLNYLYHMYFTRRPASLKTVVLLDKREGRRVPFSADYVVANI
PNAFVIGYGLDYDDTYRELRDIVVLRPEVYAEREAARQKKQRAIGSADTDRDAKREFHSKYLEHHHHHH
;
_entity_poly.pdbx_strand_id   A,B,C,D
#
# COMPACT_ATOMS: atom_id res chain seq x y z
N PRO A 2 32.57 -26.56 -6.27
CA PRO A 2 31.39 -26.19 -5.48
C PRO A 2 31.47 -24.79 -4.88
N ARG A 3 30.29 -24.23 -4.60
CA ARG A 3 30.19 -22.96 -3.88
C ARG A 3 30.59 -23.13 -2.41
N GLU A 4 31.05 -22.06 -1.81
CA GLU A 4 31.52 -22.08 -0.43
C GLU A 4 31.18 -20.75 0.21
N TYR A 5 31.00 -20.71 1.53
CA TYR A 5 30.62 -19.44 2.16
C TYR A 5 31.18 -19.34 3.58
N GLU A 6 32.03 -18.35 3.84
CA GLU A 6 32.62 -18.16 5.16
C GLU A 6 31.59 -17.94 6.27
N PHE A 7 30.44 -17.39 5.88
CA PHE A 7 29.44 -16.97 6.87
C PHE A 7 28.51 -18.13 7.21
N ALA A 8 28.68 -19.28 6.57
CA ALA A 8 27.73 -20.36 6.75
C ALA A 8 28.35 -21.57 7.44
N GLU A 9 27.66 -22.10 8.45
CA GLU A 9 28.07 -23.36 9.08
C GLU A 9 28.11 -24.52 8.11
N LYS A 10 27.09 -24.60 7.27
CA LYS A 10 26.99 -25.67 6.28
C LYS A 10 25.93 -25.32 5.25
N ILE A 11 25.94 -26.06 4.16
CA ILE A 11 24.93 -25.93 3.15
C ILE A 11 23.90 -26.95 3.53
N LEU A 12 22.61 -26.61 3.36
CA LEU A 12 21.52 -27.54 3.55
C LEU A 12 21.01 -28.05 2.23
N PHE A 13 20.81 -27.17 1.27
CA PHE A 13 20.32 -27.60 -0.05
C PHE A 13 21.06 -26.86 -1.15
N THR A 14 21.69 -27.57 -2.06
CA THR A 14 22.23 -26.87 -3.21
C THR A 14 21.12 -26.40 -4.11
N GLU A 15 21.44 -25.40 -4.94
CA GLU A 15 20.59 -24.99 -6.04
C GLU A 15 20.01 -26.20 -6.81
N GLU A 16 20.86 -27.11 -7.24
CA GLU A 16 20.40 -28.25 -8.02
C GLU A 16 19.46 -29.18 -7.19
N GLU A 17 19.80 -29.42 -5.91
CA GLU A 17 18.90 -30.19 -5.02
C GLU A 17 17.54 -29.52 -4.97
N ILE A 18 17.56 -28.20 -4.77
CA ILE A 18 16.31 -27.42 -4.68
C ILE A 18 15.51 -27.45 -5.96
N ARG A 19 16.18 -27.42 -7.11
CA ARG A 19 15.50 -27.44 -8.41
C ARG A 19 14.88 -28.82 -8.64
N THR A 20 15.56 -29.86 -8.23
CA THR A 20 14.99 -31.18 -8.37
C THR A 20 13.67 -31.32 -7.59
N ARG A 21 13.67 -30.92 -6.32
CA ARG A 21 12.43 -30.97 -5.51
C ARG A 21 11.36 -30.04 -6.06
N ILE A 22 11.76 -28.88 -6.60
CA ILE A 22 10.78 -28.01 -7.23
C ILE A 22 10.08 -28.67 -8.40
N LYS A 23 10.85 -29.43 -9.19
CA LYS A 23 10.31 -30.19 -10.30
C LYS A 23 9.35 -31.26 -9.80
N GLU A 24 9.78 -32.03 -8.79
CA GLU A 24 8.88 -33.03 -8.20
C GLU A 24 7.56 -32.42 -7.67
N VAL A 25 7.65 -31.36 -6.86
CA VAL A 25 6.46 -30.65 -6.42
C VAL A 25 5.61 -30.25 -7.60
N ALA A 26 6.20 -29.62 -8.61
CA ALA A 26 5.42 -29.12 -9.77
C ALA A 26 4.68 -30.25 -10.49
N LYS A 27 5.34 -31.39 -10.61
CA LYS A 27 4.74 -32.55 -11.28
C LYS A 27 3.47 -32.96 -10.53
N ARG A 28 3.60 -33.04 -9.20
CA ARG A 28 2.52 -33.32 -8.28
C ARG A 28 1.38 -32.30 -8.50
N ILE A 29 1.72 -31.02 -8.53
CA ILE A 29 0.67 -30.02 -8.72
C ILE A 29 -0.05 -30.21 -10.04
N ALA A 30 0.72 -30.38 -11.11
CA ALA A 30 0.15 -30.70 -12.43
C ALA A 30 -0.85 -31.87 -12.37
N ASP A 31 -0.47 -32.90 -11.64
CA ASP A 31 -1.23 -34.14 -11.52
C ASP A 31 -2.52 -33.91 -10.73
N ASP A 32 -2.42 -33.15 -9.63
CA ASP A 32 -3.55 -32.84 -8.79
C ASP A 32 -4.53 -31.94 -9.48
N TYR A 33 -4.11 -31.19 -10.50
CA TYR A 33 -5.01 -30.22 -11.15
C TYR A 33 -5.36 -30.58 -12.58
N LYS A 34 -4.85 -31.71 -13.08
CA LYS A 34 -5.20 -32.17 -14.45
C LYS A 34 -6.71 -32.33 -14.63
N GLY A 35 -7.39 -32.76 -13.56
CA GLY A 35 -8.87 -32.84 -13.56
C GLY A 35 -9.62 -31.51 -13.55
N LYS A 36 -8.99 -30.42 -13.12
CA LYS A 36 -9.75 -29.18 -12.87
C LYS A 36 -9.93 -28.27 -14.11
N GLY A 37 -9.49 -28.74 -15.28
CA GLY A 37 -9.71 -28.01 -16.52
C GLY A 37 -9.08 -26.64 -16.59
N LEU A 38 -7.84 -26.53 -16.12
CA LEU A 38 -7.13 -25.25 -16.12
C LEU A 38 -6.90 -24.81 -17.54
N ARG A 39 -7.03 -23.51 -17.77
CA ARG A 39 -6.83 -22.92 -19.09
C ARG A 39 -6.23 -21.54 -18.91
N PRO A 40 -5.32 -21.14 -19.81
CA PRO A 40 -4.83 -19.75 -19.71
C PRO A 40 -5.98 -18.70 -19.85
N TYR A 41 -5.72 -17.45 -19.45
CA TYR A 41 -6.73 -16.37 -19.43
C TYR A 41 -7.95 -16.59 -18.52
N VAL A 42 -8.75 -17.62 -18.79
CA VAL A 42 -10.05 -17.81 -18.13
C VAL A 42 -9.98 -18.57 -16.80
N ASN A 43 -9.03 -19.50 -16.68
CA ASN A 43 -8.98 -20.40 -15.54
C ASN A 43 -7.56 -20.87 -15.19
N PRO A 44 -6.67 -19.93 -14.91
CA PRO A 44 -5.33 -20.39 -14.57
C PRO A 44 -5.26 -20.66 -13.12
N LEU A 45 -4.22 -21.39 -12.75
CA LEU A 45 -3.84 -21.54 -11.38
C LEU A 45 -3.18 -20.24 -10.95
N VAL A 46 -3.77 -19.59 -9.96
CA VAL A 46 -3.25 -18.32 -9.51
C VAL A 46 -2.22 -18.55 -8.42
N LEU A 47 -1.01 -18.02 -8.64
CA LEU A 47 0.03 -18.07 -7.65
C LEU A 47 0.08 -16.77 -6.85
N ILE A 48 -0.37 -16.83 -5.61
CA ILE A 48 -0.23 -15.71 -4.72
C ILE A 48 1.10 -15.82 -4.01
N SER A 49 2.05 -15.06 -4.51
CA SER A 49 3.38 -15.18 -4.00
C SER A 49 3.63 -14.13 -2.89
N VAL A 50 3.94 -14.57 -1.68
CA VAL A 50 4.19 -13.63 -0.57
C VAL A 50 5.60 -13.03 -0.59
N LEU A 51 5.73 -11.74 -0.85
CA LEU A 51 7.07 -11.11 -0.86
C LEU A 51 7.60 -10.89 0.56
N LYS A 52 8.87 -10.57 0.74
CA LYS A 52 9.92 -10.64 -0.28
C LYS A 52 10.37 -12.08 -0.46
N GLY A 53 10.35 -12.85 0.62
CA GLY A 53 10.96 -14.17 0.71
C GLY A 53 10.72 -15.16 -0.40
N SER A 54 9.52 -15.16 -0.96
CA SER A 54 9.18 -16.16 -1.96
C SER A 54 9.61 -15.82 -3.39
N PHE A 55 10.16 -14.63 -3.64
CA PHE A 55 10.35 -14.15 -5.02
C PHE A 55 11.11 -15.08 -5.88
N MET A 56 12.17 -15.67 -5.32
CA MET A 56 13.05 -16.55 -6.07
C MET A 56 12.43 -17.92 -6.25
N PHE A 57 11.87 -18.44 -5.17
CA PHE A 57 11.13 -19.67 -5.21
C PHE A 57 10.13 -19.58 -6.31
N THR A 58 9.39 -18.49 -6.32
CA THR A 58 8.26 -18.33 -7.25
C THR A 58 8.72 -18.35 -8.72
N ALA A 59 9.81 -17.61 -8.97
CA ALA A 59 10.41 -17.52 -10.29
C ALA A 59 10.84 -18.88 -10.80
N ASP A 60 11.30 -19.75 -9.93
CA ASP A 60 11.72 -21.04 -10.37
C ASP A 60 10.51 -21.96 -10.46
N LEU A 61 9.65 -21.91 -9.46
CA LEU A 61 8.51 -22.78 -9.44
C LEU A 61 7.63 -22.56 -10.64
N CYS A 62 7.38 -21.32 -11.06
CA CYS A 62 6.40 -21.16 -12.16
C CYS A 62 6.95 -21.62 -13.51
N ARG A 63 8.25 -21.57 -13.71
CA ARG A 63 8.83 -22.15 -14.94
C ARG A 63 8.64 -23.66 -14.97
N ALA A 64 8.83 -24.29 -13.81
CA ALA A 64 8.65 -25.75 -13.64
C ALA A 64 7.19 -26.16 -13.87
N LEU A 65 6.29 -25.29 -13.48
CA LEU A 65 4.89 -25.51 -13.69
C LEU A 65 4.57 -25.43 -15.18
N CYS A 66 5.25 -24.53 -15.86
CA CYS A 66 5.12 -24.36 -17.31
C CYS A 66 5.63 -25.60 -18.03
N ASP A 67 6.68 -26.21 -17.51
CA ASP A 67 7.20 -27.44 -18.07
C ASP A 67 6.13 -28.50 -18.06
N PHE A 68 5.30 -28.55 -17.02
CA PHE A 68 4.17 -29.51 -16.99
C PHE A 68 2.88 -28.93 -17.52
N ASN A 69 2.97 -27.90 -18.36
CA ASN A 69 1.79 -27.33 -18.99
C ASN A 69 0.70 -26.89 -18.04
N VAL A 70 1.08 -26.35 -16.90
CA VAL A 70 0.10 -25.85 -15.97
C VAL A 70 0.11 -24.36 -16.18
N PRO A 71 -0.94 -23.80 -16.76
CA PRO A 71 -0.99 -22.37 -17.00
C PRO A 71 -1.17 -21.60 -15.67
N VAL A 72 -0.46 -20.47 -15.47
CA VAL A 72 -0.50 -19.75 -14.18
C VAL A 72 -0.65 -18.23 -14.29
N ARG A 73 -1.26 -17.62 -13.29
CA ARG A 73 -1.36 -16.16 -13.15
C ARG A 73 -0.59 -15.80 -11.90
N MET A 74 0.30 -14.83 -12.00
CA MET A 74 1.15 -14.50 -10.88
C MET A 74 0.54 -13.30 -10.15
N GLU A 75 0.41 -13.41 -8.84
CA GLU A 75 0.08 -12.25 -8.02
C GLU A 75 1.15 -12.13 -6.96
N PHE A 76 1.38 -10.91 -6.52
CA PHE A 76 2.37 -10.70 -5.49
C PHE A 76 1.77 -9.87 -4.41
N ILE A 77 1.84 -10.36 -3.18
CA ILE A 77 1.37 -9.59 -2.04
C ILE A 77 2.52 -9.34 -1.11
N CYS A 78 2.38 -8.33 -0.27
CA CYS A 78 3.43 -8.06 0.66
C CYS A 78 2.79 -7.63 1.93
N VAL A 79 3.35 -8.05 3.05
CA VAL A 79 2.76 -7.75 4.35
C VAL A 79 3.84 -7.41 5.33
N SER A 80 3.55 -6.67 6.38
CA SER A 80 4.62 -6.43 7.35
C SER A 80 4.17 -6.70 8.79
N SER A 81 5.14 -7.07 9.61
CA SER A 81 4.94 -7.38 11.02
C SER A 81 4.52 -6.13 11.75
N TYR A 82 3.46 -6.21 12.55
CA TYR A 82 3.22 -5.25 13.64
C TYR A 82 4.27 -5.57 14.72
N GLY A 83 5.00 -4.57 15.21
CA GLY A 83 6.16 -4.83 16.06
C GLY A 83 5.89 -5.43 17.43
N GLU A 84 4.77 -6.15 17.58
CA GLU A 84 4.58 -7.04 18.73
C GLU A 84 5.68 -8.07 18.57
N GLY A 85 6.36 -8.42 19.65
CA GLY A 85 7.30 -9.54 19.60
C GLY A 85 6.73 -10.51 18.57
N LEU A 86 5.58 -11.08 18.91
CA LEU A 86 4.85 -12.03 18.06
C LEU A 86 3.42 -12.11 18.62
N THR A 87 2.41 -12.35 17.77
CA THR A 87 0.98 -12.42 18.23
C THR A 87 0.20 -13.67 17.84
N SER A 88 -0.82 -13.99 18.63
CA SER A 88 -1.57 -15.24 18.48
C SER A 88 -2.54 -15.27 17.30
N SER A 89 -3.08 -14.10 16.92
CA SER A 89 -3.92 -13.97 15.70
C SER A 89 -3.10 -14.24 14.44
N GLY A 90 -1.79 -14.04 14.57
CA GLY A 90 -0.89 -14.13 13.44
C GLY A 90 -0.96 -12.93 12.51
N GLN A 91 -1.70 -11.90 12.91
CA GLN A 91 -2.01 -10.77 12.04
C GLN A 91 -0.78 -9.96 11.57
N VAL A 92 -0.90 -9.56 10.31
CA VAL A 92 0.08 -8.75 9.66
C VAL A 92 -0.65 -7.63 8.93
N ARG A 93 0.14 -6.66 8.51
CA ARG A 93 -0.36 -5.48 7.87
C ARG A 93 -0.28 -5.75 6.38
N MET A 94 -1.35 -5.47 5.66
CA MET A 94 -1.34 -5.62 4.22
C MET A 94 -0.72 -4.37 3.62
N LEU A 95 0.30 -4.54 2.79
CA LEU A 95 0.89 -3.42 2.04
C LEU A 95 0.57 -3.48 0.57
N LEU A 96 0.48 -4.70 0.05
CA LEU A 96 0.12 -4.89 -1.32
C LEU A 96 -0.75 -6.15 -1.44
N ASP A 97 -1.90 -5.98 -2.03
CA ASP A 97 -2.86 -7.05 -2.15
C ASP A 97 -2.86 -7.39 -3.61
N THR A 98 -3.66 -8.38 -4.01
CA THR A 98 -3.66 -8.87 -5.40
C THR A 98 -4.24 -7.87 -6.38
N ARG A 99 -3.76 -7.90 -7.62
CA ARG A 99 -4.34 -7.04 -8.66
C ARG A 99 -5.74 -7.49 -9.17
N HIS A 100 -6.01 -8.79 -9.27
CA HIS A 100 -7.27 -9.29 -9.82
C HIS A 100 -8.08 -10.12 -8.81
N SER A 101 -9.37 -10.29 -9.08
CA SER A 101 -10.19 -11.08 -8.16
C SER A 101 -9.79 -12.53 -8.23
N ILE A 102 -9.84 -13.21 -7.09
CA ILE A 102 -9.52 -14.62 -7.02
C ILE A 102 -10.80 -15.44 -6.95
N GLU A 103 -11.94 -14.76 -6.90
CA GLU A 103 -13.23 -15.43 -6.69
C GLU A 103 -13.58 -16.37 -7.84
N GLY A 104 -13.79 -17.64 -7.52
CA GLY A 104 -14.01 -18.65 -8.53
C GLY A 104 -12.76 -19.23 -9.15
N HIS A 105 -11.57 -18.76 -8.79
CA HIS A 105 -10.31 -19.27 -9.38
C HIS A 105 -9.65 -20.30 -8.50
N HIS A 106 -8.76 -21.10 -9.10
CA HIS A 106 -7.93 -22.01 -8.33
C HIS A 106 -6.67 -21.26 -7.87
N VAL A 107 -6.50 -21.18 -6.56
CA VAL A 107 -5.47 -20.40 -5.99
C VAL A 107 -4.50 -21.28 -5.20
N LEU A 108 -3.22 -20.99 -5.42
CA LEU A 108 -2.13 -21.54 -4.68
C LEU A 108 -1.39 -20.41 -4.00
N ILE A 109 -1.37 -20.36 -2.66
CA ILE A 109 -0.54 -19.37 -1.97
C ILE A 109 0.89 -19.86 -1.88
N VAL A 110 1.86 -19.04 -2.28
CA VAL A 110 3.25 -19.45 -2.27
C VAL A 110 4.05 -18.75 -1.20
N GLU A 111 4.68 -19.53 -0.32
CA GLU A 111 5.40 -18.96 0.79
C GLU A 111 6.79 -19.56 0.84
N ASP A 112 7.72 -18.82 1.44
CA ASP A 112 9.10 -19.27 1.60
C ASP A 112 9.29 -20.18 2.82
N ILE A 113 8.77 -19.79 3.95
CA ILE A 113 8.98 -20.57 5.15
C ILE A 113 7.70 -20.55 5.99
N VAL A 114 7.33 -21.70 6.49
CA VAL A 114 6.28 -21.78 7.47
C VAL A 114 6.90 -22.47 8.71
N ASP A 115 6.88 -21.76 9.85
CA ASP A 115 7.21 -22.32 11.18
C ASP A 115 5.99 -22.27 12.08
N THR A 116 5.62 -21.09 12.55
CA THR A 116 4.47 -20.95 13.44
C THR A 116 3.19 -21.21 12.67
N ALA A 117 3.16 -20.72 11.42
CA ALA A 117 2.03 -20.79 10.52
C ALA A 117 0.98 -19.81 10.92
N LEU A 118 1.34 -18.97 11.87
CA LEU A 118 0.38 -17.99 12.39
C LEU A 118 0.01 -17.04 11.27
N THR A 119 1.02 -16.58 10.55
CA THR A 119 0.81 -15.68 9.43
C THR A 119 0.27 -16.38 8.19
N LEU A 120 0.75 -17.58 7.91
CA LEU A 120 0.17 -18.26 6.75
C LEU A 120 -1.28 -18.64 7.00
N ASN A 121 -1.62 -19.03 8.22
CA ASN A 121 -3.01 -19.32 8.55
C ASN A 121 -3.85 -18.08 8.40
N TYR A 122 -3.27 -16.96 8.79
CA TYR A 122 -3.99 -15.71 8.70
C TYR A 122 -4.30 -15.40 7.24
N LEU A 123 -3.32 -15.59 6.39
CA LEU A 123 -3.47 -15.34 4.96
C LEU A 123 -4.31 -16.39 4.22
N TYR A 124 -4.24 -17.64 4.67
CA TYR A 124 -5.11 -18.68 4.11
C TYR A 124 -6.53 -18.29 4.40
N HIS A 125 -6.82 -17.96 5.66
CA HIS A 125 -8.19 -17.65 6.01
C HIS A 125 -8.66 -16.40 5.22
N MET A 126 -7.80 -15.41 5.08
CA MET A 126 -8.22 -14.21 4.43
C MET A 126 -8.64 -14.48 3.01
N TYR A 127 -7.83 -15.24 2.28
CA TYR A 127 -8.13 -15.47 0.88
C TYR A 127 -9.23 -16.50 0.73
N PHE A 128 -9.36 -17.42 1.70
CA PHE A 128 -10.46 -18.41 1.68
C PHE A 128 -11.82 -17.73 1.69
N THR A 129 -12.00 -16.69 2.49
CA THR A 129 -13.30 -16.05 2.57
C THR A 129 -13.60 -15.21 1.32
N ARG A 130 -12.63 -15.10 0.42
CA ARG A 130 -12.86 -14.57 -0.93
C ARG A 130 -13.47 -15.56 -1.94
N ARG A 131 -13.74 -16.80 -1.52
CA ARG A 131 -14.45 -17.78 -2.35
C ARG A 131 -13.76 -18.13 -3.67
N PRO A 132 -12.48 -18.52 -3.60
CA PRO A 132 -11.86 -19.18 -4.79
C PRO A 132 -12.43 -20.61 -5.02
N ALA A 133 -12.30 -21.12 -6.23
CA ALA A 133 -12.74 -22.46 -6.52
C ALA A 133 -12.00 -23.48 -5.65
N SER A 134 -10.72 -23.24 -5.41
CA SER A 134 -9.96 -24.01 -4.44
C SER A 134 -8.84 -23.16 -3.99
N LEU A 135 -8.29 -23.51 -2.83
CA LEU A 135 -7.22 -22.76 -2.22
C LEU A 135 -6.28 -23.69 -1.49
N LYS A 136 -5.05 -23.80 -1.98
CA LYS A 136 -4.03 -24.63 -1.36
C LYS A 136 -2.79 -23.81 -1.07
N THR A 137 -1.88 -24.39 -0.29
CA THR A 137 -0.57 -23.76 -0.05
C THR A 137 0.65 -24.60 -0.51
N VAL A 138 1.70 -23.90 -0.91
CA VAL A 138 2.98 -24.52 -1.20
C VAL A 138 4.02 -23.71 -0.49
N VAL A 139 4.95 -24.40 0.15
CA VAL A 139 5.98 -23.73 0.91
C VAL A 139 7.35 -24.19 0.47
N LEU A 140 8.30 -23.27 0.44
CA LEU A 140 9.65 -23.69 0.13
C LEU A 140 10.18 -24.58 1.28
N LEU A 141 10.17 -24.05 2.50
CA LEU A 141 10.70 -24.75 3.67
C LEU A 141 9.63 -24.89 4.73
N ASP A 142 9.63 -26.04 5.39
CA ASP A 142 8.67 -26.37 6.41
C ASP A 142 9.48 -26.68 7.63
N LYS A 143 9.23 -25.95 8.70
CA LYS A 143 9.84 -26.22 9.97
C LYS A 143 8.70 -26.69 10.89
N ARG A 144 8.24 -27.93 10.72
CA ARG A 144 7.02 -28.42 11.47
C ARG A 144 7.13 -28.36 12.96
N GLU A 145 8.36 -28.41 13.43
CA GLU A 145 8.68 -28.26 14.85
C GLU A 145 8.09 -26.96 15.44
N GLY A 146 7.94 -25.92 14.63
CA GLY A 146 7.69 -24.58 15.17
C GLY A 146 6.26 -24.11 15.19
N ARG A 147 5.32 -24.98 14.80
CA ARG A 147 3.88 -24.62 14.72
C ARG A 147 3.31 -24.05 16.04
N ARG A 148 2.62 -22.90 15.96
CA ARG A 148 1.75 -22.46 17.04
C ARG A 148 0.32 -22.43 16.68
N VAL A 149 -0.04 -22.83 15.46
CA VAL A 149 -1.41 -23.14 15.15
C VAL A 149 -1.32 -24.40 14.28
N PRO A 150 -2.27 -25.34 14.42
CA PRO A 150 -2.06 -26.46 13.50
C PRO A 150 -2.22 -25.95 12.05
N PHE A 151 -1.33 -26.40 11.16
CA PHE A 151 -1.41 -26.08 9.73
C PHE A 151 -0.52 -27.01 8.90
N SER A 152 -1.11 -27.63 7.86
CA SER A 152 -0.37 -28.47 6.90
C SER A 152 -0.35 -27.79 5.57
N ALA A 153 0.85 -27.45 5.10
CA ALA A 153 1.01 -27.05 3.72
C ALA A 153 0.65 -28.23 2.82
N ASP A 154 0.08 -27.92 1.68
CA ASP A 154 -0.26 -28.97 0.73
C ASP A 154 0.96 -29.48 0.02
N TYR A 155 1.88 -28.58 -0.33
CA TYR A 155 3.09 -28.93 -0.98
C TYR A 155 4.31 -28.36 -0.28
N VAL A 156 5.34 -29.18 -0.10
CA VAL A 156 6.51 -28.79 0.64
C VAL A 156 7.73 -29.18 -0.17
N VAL A 157 8.60 -28.23 -0.46
CA VAL A 157 9.84 -28.52 -1.14
C VAL A 157 10.83 -29.27 -0.22
N ALA A 158 10.97 -28.81 1.02
CA ALA A 158 11.87 -29.46 1.92
C ALA A 158 11.53 -29.11 3.34
N ASN A 159 11.80 -30.05 4.26
CA ASN A 159 11.77 -29.81 5.71
C ASN A 159 13.13 -29.39 6.23
N ILE A 160 13.10 -28.63 7.32
CA ILE A 160 14.32 -28.21 7.98
C ILE A 160 14.14 -28.29 9.48
N PRO A 161 15.26 -28.25 10.22
CA PRO A 161 15.19 -28.10 11.64
C PRO A 161 15.32 -26.61 11.98
N ASN A 162 15.32 -26.29 13.27
CA ASN A 162 15.46 -24.92 13.68
C ASN A 162 16.90 -24.42 13.54
N ALA A 163 17.15 -23.58 12.55
CA ALA A 163 18.44 -22.92 12.40
C ALA A 163 18.25 -21.59 11.69
N PHE A 164 19.22 -20.68 11.79
CA PHE A 164 19.24 -19.47 10.93
C PHE A 164 19.34 -19.92 9.50
N VAL A 165 18.23 -19.99 8.80
CA VAL A 165 18.26 -20.47 7.46
C VAL A 165 18.24 -19.26 6.53
N ILE A 166 19.17 -19.26 5.58
CA ILE A 166 19.36 -18.14 4.67
C ILE A 166 19.66 -18.64 3.26
N GLY A 167 19.45 -17.75 2.30
CA GLY A 167 19.70 -18.03 0.93
C GLY A 167 18.43 -18.37 0.19
N TYR A 168 18.56 -18.43 -1.12
CA TYR A 168 17.44 -18.75 -1.96
C TYR A 168 16.19 -17.93 -1.64
N GLY A 169 16.39 -16.64 -1.40
CA GLY A 169 15.26 -15.74 -1.13
C GLY A 169 15.11 -15.40 0.34
N LEU A 170 15.61 -16.28 1.20
CA LEU A 170 15.52 -16.13 2.63
C LEU A 170 16.62 -15.22 3.18
N ASP A 171 16.29 -14.45 4.19
CA ASP A 171 17.22 -13.44 4.65
C ASP A 171 17.59 -13.53 6.10
N TYR A 172 18.71 -12.94 6.44
CA TYR A 172 18.92 -12.42 7.78
C TYR A 172 19.15 -10.92 7.66
N ASP A 173 18.25 -10.13 8.25
CA ASP A 173 18.33 -8.67 8.17
C ASP A 173 18.41 -8.21 6.72
N ASP A 174 17.57 -8.80 5.88
CA ASP A 174 17.49 -8.42 4.48
C ASP A 174 18.81 -8.59 3.74
N THR A 175 19.66 -9.47 4.25
CA THR A 175 20.92 -9.84 3.61
C THR A 175 20.90 -11.35 3.21
N TYR A 176 21.71 -11.75 2.24
CA TYR A 176 21.80 -13.16 1.78
C TYR A 176 20.60 -13.72 1.03
N ARG A 177 19.72 -12.89 0.52
CA ARG A 177 18.60 -13.44 -0.26
C ARG A 177 19.03 -13.99 -1.59
N GLU A 178 20.15 -13.48 -2.11
CA GLU A 178 20.56 -13.73 -3.50
C GLU A 178 21.35 -15.01 -3.65
N LEU A 179 21.68 -15.69 -2.56
CA LEU A 179 22.44 -16.92 -2.64
C LEU A 179 21.66 -17.93 -3.49
N ARG A 180 22.37 -18.79 -4.20
CA ARG A 180 21.77 -19.84 -5.02
C ARG A 180 21.36 -21.04 -4.18
N ASP A 181 21.98 -21.17 -3.00
CA ASP A 181 21.81 -22.30 -2.09
C ASP A 181 21.16 -21.87 -0.82
N ILE A 182 20.57 -22.80 -0.10
CA ILE A 182 20.03 -22.54 1.22
C ILE A 182 21.03 -23.05 2.23
N VAL A 183 21.51 -22.17 3.09
CA VAL A 183 22.62 -22.46 3.98
C VAL A 183 22.27 -22.03 5.41
N VAL A 184 23.12 -22.44 6.35
CA VAL A 184 22.89 -22.18 7.76
C VAL A 184 23.84 -21.10 8.20
N LEU A 185 23.30 -20.03 8.72
CA LEU A 185 24.13 -18.91 9.10
C LEU A 185 24.89 -19.20 10.40
N ARG A 186 26.18 -18.93 10.43
CA ARG A 186 26.99 -19.07 11.65
C ARG A 186 26.47 -18.20 12.80
N PRO A 187 26.33 -18.79 13.99
CA PRO A 187 25.85 -18.00 15.14
C PRO A 187 26.77 -16.85 15.48
N GLU A 188 28.04 -16.99 15.15
CA GLU A 188 29.01 -15.95 15.45
C GLU A 188 28.67 -14.74 14.60
N VAL A 189 28.33 -14.97 13.33
CA VAL A 189 28.00 -13.89 12.38
C VAL A 189 26.70 -13.22 12.81
N TYR A 190 25.75 -14.03 13.26
CA TYR A 190 24.51 -13.51 13.83
C TYR A 190 24.76 -12.58 15.02
N ALA A 191 25.59 -13.04 15.95
CA ALA A 191 25.94 -12.27 17.15
C ALA A 191 26.69 -11.01 16.80
N GLU A 192 27.63 -11.07 15.87
CA GLU A 192 28.41 -9.90 15.45
C GLU A 192 27.48 -8.83 14.89
N ARG A 193 26.45 -9.25 14.17
CA ARG A 193 25.50 -8.31 13.52
C ARG A 193 24.43 -7.72 14.47
N GLU A 194 23.92 -8.53 15.40
CA GLU A 194 23.00 -8.01 16.42
C GLU A 194 23.66 -6.95 17.34
N ALA A 195 24.92 -7.17 17.71
CA ALA A 195 25.69 -6.17 18.47
C ALA A 195 25.89 -4.89 17.66
N ALA A 196 26.13 -5.05 16.36
CA ALA A 196 26.58 -3.96 15.48
C ALA A 196 25.60 -2.81 15.29
N ARG A 197 24.29 -3.11 15.21
CA ARG A 197 23.27 -2.06 15.15
C ARG A 197 22.89 -1.56 16.55
N GLN A 198 23.91 -1.12 17.29
CA GLN A 198 23.79 -0.67 18.69
C GLN A 198 24.66 0.56 18.89
N PRO B 2 -13.92 26.87 28.84
CA PRO B 2 -14.40 25.85 29.72
C PRO B 2 -14.40 24.46 29.16
N ARG B 3 -13.45 24.23 28.25
CA ARG B 3 -12.93 22.91 27.92
C ARG B 3 -11.56 22.94 28.57
N GLU B 4 -11.27 21.96 29.40
CA GLU B 4 -10.10 21.98 30.28
C GLU B 4 -9.39 20.64 30.09
N TYR B 5 -8.06 20.58 30.24
CA TYR B 5 -7.34 19.29 30.07
C TYR B 5 -6.16 19.13 31.03
N GLU B 6 -6.21 18.14 31.92
CA GLU B 6 -5.14 17.92 32.92
C GLU B 6 -3.75 17.69 32.31
N PHE B 7 -3.74 17.17 31.08
CA PHE B 7 -2.49 16.76 30.45
C PHE B 7 -1.82 17.92 29.69
N ALA B 8 -2.48 19.07 29.63
CA ALA B 8 -2.02 20.15 28.78
C ALA B 8 -1.55 21.33 29.61
N GLU B 9 -0.39 21.87 29.28
CA GLU B 9 0.08 23.11 29.92
C GLU B 9 -0.84 24.27 29.71
N LYS B 10 -1.30 24.39 28.47
CA LYS B 10 -2.19 25.47 28.06
C LYS B 10 -2.84 25.16 26.73
N ILE B 11 -3.83 25.95 26.39
CA ILE B 11 -4.50 25.85 25.11
C ILE B 11 -3.86 26.89 24.23
N LEU B 12 -3.64 26.52 22.98
CA LEU B 12 -3.10 27.41 21.99
C LEU B 12 -4.19 27.97 21.11
N PHE B 13 -5.08 27.11 20.65
CA PHE B 13 -6.18 27.53 19.80
C PHE B 13 -7.48 26.78 20.14
N THR B 14 -8.55 27.51 20.42
CA THR B 14 -9.81 26.82 20.63
C THR B 14 -10.32 26.34 19.30
N GLU B 15 -11.23 25.38 19.33
CA GLU B 15 -11.97 24.96 18.15
C GLU B 15 -12.44 26.15 17.34
N GLU B 16 -13.14 27.07 18.00
CA GLU B 16 -13.69 28.27 17.37
C GLU B 16 -12.61 29.20 16.74
N GLU B 17 -11.50 29.45 17.43
CA GLU B 17 -10.42 30.24 16.81
C GLU B 17 -9.95 29.57 15.56
N ILE B 18 -9.75 28.27 15.66
CA ILE B 18 -9.31 27.47 14.52
C ILE B 18 -10.31 27.52 13.39
N ARG B 19 -11.60 27.51 13.69
CA ARG B 19 -12.62 27.53 12.63
C ARG B 19 -12.63 28.90 11.99
N THR B 20 -12.45 29.95 12.78
CA THR B 20 -12.42 31.27 12.18
C THR B 20 -11.30 31.37 11.18
N ARG B 21 -10.09 30.96 11.56
CA ARG B 21 -8.94 31.05 10.64
C ARG B 21 -9.12 30.20 9.40
N ILE B 22 -9.69 29.01 9.58
CA ILE B 22 -9.98 28.16 8.45
C ILE B 22 -10.89 28.86 7.45
N LYS B 23 -11.90 29.54 7.96
CA LYS B 23 -12.79 30.34 7.12
C LYS B 23 -12.02 31.43 6.38
N GLU B 24 -11.17 32.16 7.08
CA GLU B 24 -10.31 33.16 6.42
C GLU B 24 -9.43 32.50 5.33
N VAL B 25 -8.75 31.40 5.64
CA VAL B 25 -7.92 30.73 4.64
C VAL B 25 -8.74 30.32 3.43
N ALA B 26 -9.92 29.73 3.66
CA ALA B 26 -10.82 29.29 2.56
C ALA B 26 -11.29 30.46 1.69
N LYS B 27 -11.57 31.59 2.32
CA LYS B 27 -11.97 32.79 1.58
C LYS B 27 -10.88 33.19 0.56
N ARG B 28 -9.66 33.32 1.08
CA ARG B 28 -8.46 33.62 0.31
C ARG B 28 -8.33 32.62 -0.83
N ILE B 29 -8.47 31.33 -0.53
CA ILE B 29 -8.33 30.34 -1.57
C ILE B 29 -9.36 30.55 -2.68
N ALA B 30 -10.61 30.66 -2.29
CA ALA B 30 -11.70 30.92 -3.24
C ALA B 30 -11.34 32.10 -4.16
N ASP B 31 -10.77 33.12 -3.56
CA ASP B 31 -10.33 34.34 -4.23
C ASP B 31 -9.18 34.11 -5.22
N ASP B 32 -8.15 33.43 -4.75
CA ASP B 32 -7.00 33.11 -5.60
C ASP B 32 -7.39 32.24 -6.77
N TYR B 33 -8.46 31.46 -6.66
CA TYR B 33 -8.83 30.53 -7.73
C TYR B 33 -10.08 30.94 -8.48
N LYS B 34 -10.66 32.11 -8.18
CA LYS B 34 -11.90 32.53 -8.89
C LYS B 34 -11.59 32.68 -10.39
N GLY B 35 -10.39 33.18 -10.71
CA GLY B 35 -9.92 33.28 -12.09
C GLY B 35 -9.79 31.95 -12.83
N LYS B 36 -9.60 30.84 -12.13
CA LYS B 36 -9.14 29.60 -12.79
C LYS B 36 -10.27 28.73 -13.37
N GLY B 37 -11.51 29.20 -13.24
CA GLY B 37 -12.67 28.48 -13.75
C GLY B 37 -12.83 27.06 -13.24
N LEU B 38 -12.79 26.91 -11.93
CA LEU B 38 -13.00 25.60 -11.32
C LEU B 38 -14.42 25.19 -11.56
N ARG B 39 -14.62 23.89 -11.74
CA ARG B 39 -15.95 23.35 -11.99
C ARG B 39 -16.01 21.96 -11.43
N PRO B 40 -17.15 21.55 -10.87
CA PRO B 40 -17.26 20.15 -10.41
C PRO B 40 -17.05 19.12 -11.55
N TYR B 41 -16.79 17.86 -11.19
CA TYR B 41 -16.41 16.80 -12.16
C TYR B 41 -15.14 17.07 -12.98
N VAL B 42 -15.15 18.12 -13.79
CA VAL B 42 -14.14 18.27 -14.84
C VAL B 42 -12.88 18.95 -14.34
N ASN B 43 -13.05 19.91 -13.42
CA ASN B 43 -11.94 20.77 -13.01
C ASN B 43 -12.01 21.22 -11.56
N PRO B 44 -12.12 20.28 -10.62
CA PRO B 44 -12.16 20.72 -9.24
C PRO B 44 -10.77 20.99 -8.75
N LEU B 45 -10.72 21.75 -7.67
CA LEU B 45 -9.55 21.84 -6.85
C LEU B 45 -9.38 20.53 -6.13
N VAL B 46 -8.24 19.88 -6.32
CA VAL B 46 -7.99 18.59 -5.69
C VAL B 46 -7.25 18.77 -4.38
N LEU B 47 -7.81 18.24 -3.31
CA LEU B 47 -7.17 18.31 -2.01
C LEU B 47 -6.48 16.99 -1.71
N ILE B 48 -5.16 17.01 -1.78
CA ILE B 48 -4.37 15.87 -1.39
C ILE B 48 -4.10 15.96 0.10
N SER B 49 -4.94 15.27 0.85
CA SER B 49 -4.85 15.33 2.27
C SER B 49 -3.86 14.27 2.82
N VAL B 50 -2.84 14.67 3.55
CA VAL B 50 -1.85 13.71 4.03
C VAL B 50 -2.30 13.11 5.36
N LEU B 51 -2.51 11.79 5.41
CA LEU B 51 -2.95 11.14 6.66
C LEU B 51 -1.78 10.91 7.61
N LYS B 52 -2.01 10.59 8.88
CA LYS B 52 -3.28 10.71 9.59
C LYS B 52 -3.59 12.17 10.00
N GLY B 53 -2.55 12.92 10.33
CA GLY B 53 -2.67 14.21 10.97
C GLY B 53 -3.67 15.17 10.39
N SER B 54 -3.85 15.17 9.09
CA SER B 54 -4.66 16.19 8.47
C SER B 54 -6.15 15.87 8.39
N PHE B 55 -6.56 14.72 8.91
CA PHE B 55 -7.91 14.21 8.59
C PHE B 55 -8.98 15.16 9.05
N MET B 56 -8.74 15.80 10.20
CA MET B 56 -9.72 16.68 10.84
C MET B 56 -9.71 18.03 10.17
N PHE B 57 -8.52 18.59 10.02
CA PHE B 57 -8.32 19.86 9.33
C PHE B 57 -9.06 19.81 8.05
N THR B 58 -8.82 18.76 7.28
CA THR B 58 -9.42 18.60 5.96
C THR B 58 -10.94 18.55 5.96
N ALA B 59 -11.50 17.88 6.96
CA ALA B 59 -12.95 17.74 7.03
C ALA B 59 -13.52 19.11 7.27
N ASP B 60 -12.87 19.90 8.12
CA ASP B 60 -13.34 21.24 8.37
C ASP B 60 -13.03 22.17 7.19
N LEU B 61 -11.84 22.08 6.64
CA LEU B 61 -11.46 22.95 5.55
C LEU B 61 -12.37 22.83 4.36
N CYS B 62 -12.71 21.60 3.94
CA CYS B 62 -13.46 21.44 2.66
C CYS B 62 -14.91 21.91 2.76
N ARG B 63 -15.49 21.86 3.95
CA ARG B 63 -16.83 22.46 4.16
C ARG B 63 -16.75 23.99 4.08
N ALA B 64 -15.66 24.56 4.60
CA ALA B 64 -15.45 26.01 4.54
C ALA B 64 -15.24 26.44 3.07
N LEU B 65 -14.65 25.54 2.29
CA LEU B 65 -14.40 25.78 0.90
C LEU B 65 -15.72 25.74 0.16
N CYS B 66 -16.56 24.77 0.54
CA CYS B 66 -17.90 24.64 -0.03
C CYS B 66 -18.76 25.88 0.21
N ASP B 67 -18.57 26.50 1.37
CA ASP B 67 -19.26 27.75 1.68
C ASP B 67 -18.92 28.82 0.69
N PHE B 68 -17.70 28.85 0.19
CA PHE B 68 -17.32 29.85 -0.83
C PHE B 68 -17.47 29.33 -2.24
N ASN B 69 -18.30 28.31 -2.41
CA ASN B 69 -18.51 27.72 -3.73
C ASN B 69 -17.23 27.32 -4.44
N VAL B 70 -16.28 26.75 -3.71
CA VAL B 70 -15.09 26.21 -4.35
C VAL B 70 -15.32 24.74 -4.41
N PRO B 71 -15.45 24.19 -5.62
CA PRO B 71 -15.72 22.76 -5.76
C PRO B 71 -14.40 21.97 -5.58
N VAL B 72 -14.46 20.81 -4.90
CA VAL B 72 -13.25 20.07 -4.51
C VAL B 72 -13.32 18.54 -4.67
N ARG B 73 -12.17 17.96 -4.97
CA ARG B 73 -11.99 16.51 -5.05
C ARG B 73 -11.04 16.11 -3.91
N MET B 74 -11.42 15.12 -3.14
CA MET B 74 -10.66 14.73 -1.97
C MET B 74 -9.78 13.52 -2.28
N GLU B 75 -8.49 13.63 -2.00
CA GLU B 75 -7.62 12.48 -2.12
C GLU B 75 -6.90 12.35 -0.80
N PHE B 76 -6.58 11.11 -0.46
CA PHE B 76 -5.96 10.87 0.80
C PHE B 76 -4.72 10.04 0.56
N ILE B 77 -3.60 10.51 1.05
CA ILE B 77 -2.41 9.73 0.93
C ILE B 77 -1.93 9.48 2.32
N CYS B 78 -0.99 8.56 2.44
CA CYS B 78 -0.47 8.22 3.70
C CYS B 78 0.92 7.75 3.48
N VAL B 79 1.85 8.23 4.30
CA VAL B 79 3.26 7.86 4.18
C VAL B 79 3.88 7.47 5.51
N SER B 80 4.97 6.73 5.52
CA SER B 80 5.54 6.41 6.82
C SER B 80 7.04 6.60 6.83
N SER B 81 7.54 7.03 7.99
CA SER B 81 8.95 7.27 8.24
C SER B 81 9.81 6.01 8.09
N TYR B 82 10.92 6.10 7.37
CA TYR B 82 11.98 5.07 7.36
C TYR B 82 12.81 5.30 8.63
N GLY B 83 12.41 4.68 9.73
CA GLY B 83 12.79 5.11 11.09
C GLY B 83 14.26 5.33 11.41
N GLU B 84 14.87 6.27 10.68
CA GLU B 84 16.31 6.53 10.74
C GLU B 84 16.59 7.67 11.74
N GLY B 85 16.10 8.86 11.39
CA GLY B 85 16.55 10.13 11.99
C GLY B 85 17.46 10.90 11.02
N LEU B 86 17.99 10.17 10.02
CA LEU B 86 19.05 10.62 9.10
C LEU B 86 18.60 11.70 8.11
N THR B 87 17.37 11.57 7.62
CA THR B 87 17.04 11.85 6.21
C THR B 87 16.93 13.33 5.78
N SER B 88 17.95 13.80 5.06
CA SER B 88 17.99 15.13 4.45
C SER B 88 17.27 15.18 3.08
N SER B 89 17.06 14.01 2.44
CA SER B 89 16.17 13.93 1.26
C SER B 89 14.71 14.21 1.66
N GLY B 90 14.42 13.99 2.94
CA GLY B 90 13.06 14.13 3.45
C GLY B 90 12.17 12.97 3.04
N GLN B 91 12.79 11.86 2.61
CA GLN B 91 12.05 10.74 2.04
C GLN B 91 11.22 9.93 3.04
N VAL B 92 10.06 9.57 2.54
CA VAL B 92 9.13 8.77 3.25
C VAL B 92 8.68 7.62 2.36
N ARG B 93 8.06 6.66 3.00
CA ARG B 93 7.56 5.50 2.33
C ARG B 93 6.10 5.77 1.93
N MET B 94 5.77 5.57 0.66
CA MET B 94 4.40 5.73 0.21
C MET B 94 3.58 4.48 0.56
N LEU B 95 2.50 4.66 1.31
CA LEU B 95 1.58 3.56 1.64
C LEU B 95 0.24 3.69 0.97
N LEU B 96 -0.13 4.90 0.58
CA LEU B 96 -1.36 5.12 -0.15
C LEU B 96 -1.24 6.37 -1.01
N ASP B 97 -1.37 6.18 -2.30
CA ASP B 97 -1.19 7.22 -3.28
C ASP B 97 -2.58 7.55 -3.74
N THR B 98 -2.73 8.56 -4.59
CA THR B 98 -4.06 9.10 -4.97
C THR B 98 -4.83 8.12 -5.82
N ARG B 99 -6.15 8.12 -5.70
CA ARG B 99 -6.98 7.30 -6.60
C ARG B 99 -7.03 7.78 -8.09
N HIS B 100 -7.02 9.09 -8.35
CA HIS B 100 -7.10 9.63 -9.72
C HIS B 100 -5.89 10.44 -10.14
N SER B 101 -5.74 10.62 -11.45
CA SER B 101 -4.63 11.38 -11.99
C SER B 101 -4.79 12.82 -11.60
N ILE B 102 -3.68 13.46 -11.26
CA ILE B 102 -3.73 14.87 -10.90
C ILE B 102 -3.34 15.71 -12.09
N GLU B 103 -2.86 15.06 -13.16
CA GLU B 103 -2.29 15.76 -14.32
C GLU B 103 -3.27 16.74 -14.93
N GLY B 104 -2.84 17.99 -15.07
CA GLY B 104 -3.69 19.04 -15.59
C GLY B 104 -4.70 19.61 -14.62
N HIS B 105 -4.77 19.10 -13.39
CA HIS B 105 -5.72 19.63 -12.41
C HIS B 105 -5.02 20.62 -11.52
N HIS B 106 -5.81 21.44 -10.84
CA HIS B 106 -5.31 22.30 -9.77
C HIS B 106 -5.29 21.51 -8.45
N VAL B 107 -4.11 21.42 -7.86
CA VAL B 107 -3.93 20.63 -6.68
C VAL B 107 -3.54 21.51 -5.50
N LEU B 108 -4.14 21.21 -4.36
CA LEU B 108 -3.71 21.79 -3.10
C LEU B 108 -3.29 20.66 -2.19
N ILE B 109 -2.02 20.62 -1.77
CA ILE B 109 -1.59 19.58 -0.78
C ILE B 109 -1.95 20.04 0.62
N VAL B 110 -2.61 19.18 1.40
CA VAL B 110 -3.08 19.58 2.71
C VAL B 110 -2.35 18.80 3.75
N GLU B 111 -1.76 19.52 4.70
CA GLU B 111 -0.93 18.93 5.72
C GLU B 111 -1.28 19.54 7.07
N ASP B 112 -1.03 18.78 8.13
CA ASP B 112 -1.23 19.21 9.51
C ASP B 112 -0.09 20.08 10.10
N ILE B 113 1.15 19.69 9.93
CA ILE B 113 2.21 20.48 10.49
C ILE B 113 3.38 20.51 9.51
N VAL B 114 3.95 21.68 9.30
CA VAL B 114 5.24 21.79 8.63
C VAL B 114 6.19 22.45 9.63
N ASP B 115 7.28 21.75 9.93
CA ASP B 115 8.42 22.24 10.70
C ASP B 115 9.66 22.21 9.80
N THR B 116 10.24 21.03 9.59
CA THR B 116 11.45 20.87 8.77
C THR B 116 11.16 21.11 7.29
N ALA B 117 9.95 20.71 6.88
CA ALA B 117 9.47 20.77 5.50
C ALA B 117 10.17 19.76 4.65
N LEU B 118 10.93 18.88 5.25
CA LEU B 118 11.69 17.91 4.47
C LEU B 118 10.71 16.99 3.75
N THR B 119 9.70 16.57 4.49
CA THR B 119 8.69 15.68 3.95
C THR B 119 7.70 16.39 3.05
N LEU B 120 7.30 17.61 3.43
CA LEU B 120 6.39 18.36 2.55
C LEU B 120 7.09 18.69 1.26
N ASN B 121 8.34 19.13 1.34
CA ASN B 121 9.10 19.40 0.13
C ASN B 121 9.22 18.17 -0.76
N TYR B 122 9.36 17.02 -0.12
CA TYR B 122 9.54 15.79 -0.85
C TYR B 122 8.26 15.50 -1.60
N LEU B 123 7.14 15.66 -0.92
CA LEU B 123 5.83 15.41 -1.52
C LEU B 123 5.39 16.47 -2.52
N TYR B 124 5.83 17.70 -2.31
CA TYR B 124 5.59 18.76 -3.29
C TYR B 124 6.29 18.35 -4.57
N HIS B 125 7.58 18.08 -4.47
CA HIS B 125 8.31 17.74 -5.66
C HIS B 125 7.67 16.51 -6.35
N MET B 126 7.26 15.53 -5.57
CA MET B 126 6.75 14.34 -6.18
C MET B 126 5.53 14.65 -7.01
N TYR B 127 4.60 15.41 -6.45
CA TYR B 127 3.37 15.71 -7.14
C TYR B 127 3.56 16.76 -8.24
N PHE B 128 4.57 17.63 -8.12
CA PHE B 128 4.87 18.62 -9.16
C PHE B 128 5.26 17.94 -10.44
N THR B 129 6.05 16.87 -10.36
CA THR B 129 6.56 16.21 -11.56
C THR B 129 5.46 15.47 -12.27
N ARG B 130 4.28 15.41 -11.66
CA ARG B 130 3.08 14.86 -12.30
C ARG B 130 2.29 15.91 -13.13
N ARG B 131 2.82 17.10 -13.29
CA ARG B 131 2.24 18.11 -14.17
C ARG B 131 0.78 18.46 -13.86
N PRO B 132 0.51 18.88 -12.62
CA PRO B 132 -0.80 19.48 -12.38
C PRO B 132 -0.84 20.90 -12.96
N ALA B 133 -2.04 21.41 -13.21
CA ALA B 133 -2.18 22.73 -13.75
C ALA B 133 -1.53 23.75 -12.82
N SER B 134 -1.77 23.59 -11.52
CA SER B 134 -1.04 24.32 -10.50
C SER B 134 -0.89 23.40 -9.30
N LEU B 135 0.01 23.78 -8.40
CA LEU B 135 0.23 23.04 -7.17
C LEU B 135 0.61 23.96 -6.02
N LYS B 136 -0.20 23.98 -4.97
CA LYS B 136 0.08 24.80 -3.79
C LYS B 136 -0.10 23.98 -2.52
N THR B 137 0.41 24.53 -1.42
CA THR B 137 0.26 23.88 -0.13
C THR B 137 -0.53 24.71 0.88
N VAL B 138 -1.31 24.02 1.70
CA VAL B 138 -1.98 24.64 2.82
C VAL B 138 -1.65 23.84 4.05
N VAL B 139 -1.35 24.50 5.16
CA VAL B 139 -0.94 23.80 6.36
C VAL B 139 -1.75 24.21 7.56
N LEU B 140 -2.07 23.27 8.43
CA LEU B 140 -2.76 23.68 9.64
C LEU B 140 -1.83 24.59 10.49
N LEU B 141 -0.69 24.06 10.89
CA LEU B 141 0.28 24.75 11.70
C LEU B 141 1.61 24.88 10.98
N ASP B 142 2.25 26.01 11.17
CA ASP B 142 3.56 26.29 10.65
C ASP B 142 4.46 26.60 11.80
N LYS B 143 5.60 25.92 11.85
CA LYS B 143 6.61 26.16 12.83
C LYS B 143 7.84 26.59 12.07
N ARG B 144 7.86 27.83 11.56
CA ARG B 144 8.95 28.29 10.63
C ARG B 144 10.36 28.18 11.21
N GLU B 145 10.43 28.28 12.53
CA GLU B 145 11.63 28.08 13.29
C GLU B 145 12.34 26.74 12.99
N GLY B 146 11.61 25.75 12.49
CA GLY B 146 12.16 24.40 12.37
C GLY B 146 12.60 23.97 11.01
N ARG B 147 12.60 24.88 10.03
CA ARG B 147 13.00 24.54 8.65
C ARG B 147 14.44 23.95 8.52
N ARG B 148 14.57 22.83 7.81
CA ARG B 148 15.86 22.36 7.28
C ARG B 148 15.87 22.33 5.76
N VAL B 149 14.89 22.94 5.13
CA VAL B 149 14.99 23.16 3.70
C VAL B 149 14.08 24.37 3.53
N PRO B 150 14.50 25.35 2.70
CA PRO B 150 13.60 26.50 2.61
C PRO B 150 12.30 26.03 1.98
N PHE B 151 11.18 26.49 2.54
CA PHE B 151 9.86 26.14 2.02
C PHE B 151 8.79 27.06 2.61
N SER B 152 7.99 27.69 1.75
CA SER B 152 6.88 28.51 2.23
C SER B 152 5.55 27.89 1.82
N ALA B 153 4.74 27.52 2.78
CA ALA B 153 3.38 27.11 2.48
C ALA B 153 2.63 28.30 1.88
N ASP B 154 1.74 28.01 0.95
CA ASP B 154 0.92 29.04 0.37
C ASP B 154 -0.13 29.54 1.33
N TYR B 155 -0.70 28.64 2.12
CA TYR B 155 -1.69 29.01 3.08
C TYR B 155 -1.39 28.43 4.46
N VAL B 156 -1.62 29.24 5.50
CA VAL B 156 -1.28 28.86 6.87
C VAL B 156 -2.41 29.24 7.81
N VAL B 157 -2.96 28.25 8.50
CA VAL B 157 -3.99 28.54 9.46
C VAL B 157 -3.41 29.27 10.68
N ALA B 158 -2.31 28.77 11.21
CA ALA B 158 -1.71 29.47 12.34
C ALA B 158 -0.27 29.08 12.50
N ASN B 159 0.51 30.01 13.06
CA ASN B 159 1.89 29.77 13.45
C ASN B 159 2.03 29.34 14.89
N ILE B 160 3.08 28.58 15.16
CA ILE B 160 3.36 28.11 16.50
C ILE B 160 4.84 28.12 16.81
N PRO B 161 5.18 28.09 18.10
CA PRO B 161 6.55 27.96 18.49
C PRO B 161 6.86 26.48 18.67
N ASN B 162 8.10 26.14 19.02
CA ASN B 162 8.43 24.75 19.26
C ASN B 162 7.86 24.30 20.59
N ALA B 163 6.86 23.43 20.55
CA ALA B 163 6.32 22.74 21.73
C ALA B 163 5.61 21.44 21.32
N PHE B 164 5.30 20.56 22.27
CA PHE B 164 4.51 19.33 22.00
C PHE B 164 3.10 19.77 21.70
N VAL B 165 2.81 19.90 20.43
CA VAL B 165 1.54 20.35 20.01
C VAL B 165 0.64 19.15 19.73
N ILE B 166 -0.52 19.13 20.37
CA ILE B 166 -1.45 18.02 20.24
C ILE B 166 -2.86 18.52 20.03
N GLY B 167 -3.70 17.62 19.51
CA GLY B 167 -5.10 17.90 19.32
C GLY B 167 -5.40 18.26 17.89
N TYR B 168 -6.69 18.35 17.59
CA TYR B 168 -7.18 18.74 16.29
C TYR B 168 -6.55 17.91 15.18
N GLY B 169 -6.39 16.63 15.45
CA GLY B 169 -5.78 15.72 14.50
C GLY B 169 -4.34 15.40 14.79
N LEU B 170 -3.63 16.30 15.49
CA LEU B 170 -2.24 16.10 15.84
C LEU B 170 -2.12 15.16 17.04
N ASP B 171 -1.03 14.40 17.10
CA ASP B 171 -0.92 13.36 18.11
C ASP B 171 0.38 13.38 18.85
N TYR B 172 0.35 12.86 20.07
CA TYR B 172 1.52 12.29 20.68
C TYR B 172 1.35 10.76 20.83
N ASP B 173 2.17 9.99 20.14
CA ASP B 173 2.11 8.54 20.19
C ASP B 173 0.73 8.04 19.79
N ASP B 174 0.23 8.64 18.72
CA ASP B 174 -1.08 8.30 18.19
C ASP B 174 -2.24 8.54 19.18
N THR B 175 -1.99 9.34 20.21
CA THR B 175 -2.99 9.72 21.19
C THR B 175 -3.36 11.23 21.03
N TYR B 176 -4.54 11.62 21.52
CA TYR B 176 -4.98 13.04 21.52
C TYR B 176 -5.36 13.64 20.15
N ARG B 177 -5.51 12.83 19.13
CA ARG B 177 -5.91 13.42 17.84
C ARG B 177 -7.32 13.97 17.90
N GLU B 178 -8.17 13.41 18.77
CA GLU B 178 -9.60 13.71 18.78
C GLU B 178 -10.00 14.99 19.50
N LEU B 179 -9.09 15.62 20.23
CA LEU B 179 -9.37 16.88 20.89
C LEU B 179 -9.92 17.91 19.90
N ARG B 180 -10.86 18.75 20.35
CA ARG B 180 -11.39 19.84 19.51
C ARG B 180 -10.44 21.03 19.42
N ASP B 181 -9.55 21.14 20.40
CA ASP B 181 -8.60 22.26 20.49
C ASP B 181 -7.19 21.82 20.22
N ILE B 182 -6.33 22.77 19.93
CA ILE B 182 -4.90 22.51 19.81
C ILE B 182 -4.28 22.97 21.12
N VAL B 183 -3.53 22.07 21.76
CA VAL B 183 -3.01 22.30 23.09
C VAL B 183 -1.55 21.84 23.21
N VAL B 184 -0.93 22.24 24.31
CA VAL B 184 0.47 21.99 24.54
C VAL B 184 0.62 20.90 25.57
N LEU B 185 1.20 19.80 25.15
CA LEU B 185 1.37 18.69 26.07
C LEU B 185 2.34 19.00 27.22
N ARG B 186 1.95 18.64 28.44
CA ARG B 186 2.80 18.80 29.62
C ARG B 186 4.03 17.91 29.51
N PRO B 187 5.23 18.49 29.69
CA PRO B 187 6.45 17.69 29.57
C PRO B 187 6.51 16.51 30.53
N GLU B 188 5.86 16.62 31.67
CA GLU B 188 5.84 15.54 32.64
C GLU B 188 5.08 14.35 32.04
N VAL B 189 3.95 14.63 31.39
CA VAL B 189 3.15 13.60 30.72
C VAL B 189 3.98 12.96 29.60
N TYR B 190 4.71 13.78 28.86
CA TYR B 190 5.59 13.28 27.80
C TYR B 190 6.62 12.34 28.38
N ALA B 191 7.28 12.79 29.44
CA ALA B 191 8.34 12.00 30.12
C ALA B 191 7.80 10.70 30.71
N GLU B 192 6.65 10.77 31.39
CA GLU B 192 6.00 9.59 31.97
C GLU B 192 5.67 8.53 30.92
N ARG B 193 5.24 8.96 29.74
CA ARG B 193 4.91 8.02 28.64
C ARG B 193 6.14 7.43 27.91
N GLU B 194 7.24 8.19 27.83
CA GLU B 194 8.50 7.67 27.29
C GLU B 194 9.15 6.62 28.21
N ALA B 195 8.95 6.71 29.51
CA ALA B 195 9.42 5.64 30.42
C ALA B 195 8.74 4.31 30.05
N ALA B 196 7.42 4.36 29.84
CA ALA B 196 6.65 3.23 29.34
C ALA B 196 6.93 3.03 27.85
N GLU C 4 9.00 -25.35 -27.99
CA GLU C 4 7.89 -25.21 -29.00
C GLU C 4 6.58 -24.67 -28.39
N TYR C 5 5.96 -23.67 -29.03
CA TYR C 5 4.78 -23.04 -28.47
C TYR C 5 3.79 -22.62 -29.53
N GLU C 6 2.55 -23.11 -29.44
CA GLU C 6 1.55 -22.89 -30.48
C GLU C 6 1.13 -21.44 -30.68
N PHE C 7 1.16 -20.67 -29.61
CA PHE C 7 0.73 -19.28 -29.60
C PHE C 7 1.85 -18.31 -30.04
N ALA C 8 2.99 -18.85 -30.47
CA ALA C 8 4.20 -18.04 -30.73
C ALA C 8 4.70 -18.14 -32.17
N GLU C 9 4.83 -16.98 -32.83
CA GLU C 9 5.44 -16.87 -34.16
C GLU C 9 6.84 -17.49 -34.15
N LYS C 10 7.64 -17.07 -33.17
CA LYS C 10 9.02 -17.54 -33.09
C LYS C 10 9.59 -17.30 -31.70
N ILE C 11 10.75 -17.91 -31.47
CA ILE C 11 11.52 -17.71 -30.28
C ILE C 11 12.61 -16.66 -30.51
N LEU C 12 12.50 -15.52 -29.81
CA LEU C 12 13.52 -14.49 -29.86
C LEU C 12 14.75 -14.90 -29.09
N PHE C 13 14.58 -15.34 -27.85
CA PHE C 13 15.73 -15.75 -27.04
C PHE C 13 15.39 -16.99 -26.26
N THR C 14 16.25 -17.98 -26.34
CA THR C 14 16.08 -19.16 -25.51
C THR C 14 16.56 -18.86 -24.10
N GLU C 15 16.01 -19.62 -23.16
CA GLU C 15 16.43 -19.58 -21.78
C GLU C 15 17.96 -19.49 -21.72
N GLU C 16 18.65 -20.43 -22.37
CA GLU C 16 20.09 -20.43 -22.31
C GLU C 16 20.71 -19.14 -22.85
N GLU C 17 20.27 -18.66 -23.99
CA GLU C 17 20.81 -17.39 -24.47
C GLU C 17 20.63 -16.33 -23.36
N ILE C 18 19.44 -16.28 -22.78
CA ILE C 18 19.10 -15.27 -21.78
C ILE C 18 20.04 -15.35 -20.59
N ARG C 19 20.25 -16.54 -20.07
CA ARG C 19 21.17 -16.68 -18.96
C ARG C 19 22.59 -16.25 -19.36
N THR C 20 23.01 -16.50 -20.59
CA THR C 20 24.33 -16.08 -21.01
C THR C 20 24.43 -14.56 -20.98
N ARG C 21 23.46 -13.87 -21.53
CA ARG C 21 23.48 -12.39 -21.47
C ARG C 21 23.44 -11.87 -20.04
N ILE C 22 22.72 -12.55 -19.17
CA ILE C 22 22.53 -12.04 -17.83
C ILE C 22 23.86 -12.17 -17.09
N LYS C 23 24.56 -13.26 -17.35
CA LYS C 23 25.86 -13.46 -16.75
C LYS C 23 26.81 -12.35 -17.20
N GLU C 24 26.76 -12.01 -18.49
CA GLU C 24 27.58 -10.93 -19.03
C GLU C 24 27.26 -9.59 -18.39
N VAL C 25 25.99 -9.19 -18.39
CA VAL C 25 25.56 -7.98 -17.68
C VAL C 25 26.02 -7.98 -16.22
N ALA C 26 25.84 -9.11 -15.53
CA ALA C 26 26.28 -9.20 -14.12
C ALA C 26 27.77 -8.94 -13.95
N LYS C 27 28.61 -9.53 -14.79
CA LYS C 27 30.04 -9.25 -14.80
C LYS C 27 30.32 -7.76 -15.00
N ARG C 28 29.65 -7.17 -15.99
CA ARG C 28 29.79 -5.76 -16.29
C ARG C 28 29.49 -4.92 -15.02
N ILE C 29 28.37 -5.20 -14.35
CA ILE C 29 28.06 -4.55 -13.07
C ILE C 29 29.13 -4.78 -12.01
N ALA C 30 29.58 -6.02 -11.86
CA ALA C 30 30.55 -6.33 -10.79
C ALA C 30 31.82 -5.51 -10.99
N ASP C 31 32.17 -5.31 -12.25
CA ASP C 31 33.30 -4.50 -12.65
C ASP C 31 33.09 -3.02 -12.41
N ASP C 32 31.92 -2.51 -12.76
CA ASP C 32 31.62 -1.10 -12.56
C ASP C 32 31.64 -0.68 -11.07
N TYR C 33 31.14 -1.53 -10.19
CA TYR C 33 31.06 -1.20 -8.78
C TYR C 33 32.23 -1.73 -7.91
N LYS C 34 33.28 -2.31 -8.49
CA LYS C 34 34.39 -2.83 -7.67
C LYS C 34 35.10 -1.68 -6.91
N GLY C 35 35.29 -0.54 -7.56
CA GLY C 35 35.85 0.64 -6.89
C GLY C 35 34.99 1.25 -5.79
N LYS C 36 33.74 0.79 -5.62
CA LYS C 36 32.76 1.50 -4.77
C LYS C 36 32.63 0.98 -3.32
N GLY C 37 33.29 -0.13 -3.00
CA GLY C 37 33.33 -0.59 -1.62
C GLY C 37 32.00 -1.08 -1.10
N LEU C 38 31.24 -1.77 -1.97
CA LEU C 38 30.01 -2.42 -1.54
C LEU C 38 30.40 -3.39 -0.47
N ARG C 39 29.55 -3.54 0.54
CA ARG C 39 29.69 -4.54 1.59
C ARG C 39 28.30 -4.95 2.08
N PRO C 40 28.12 -6.21 2.44
CA PRO C 40 26.80 -6.63 2.91
C PRO C 40 26.34 -5.88 4.14
N TYR C 41 25.03 -5.91 4.38
CA TYR C 41 24.38 -5.15 5.47
C TYR C 41 24.54 -3.63 5.35
N VAL C 42 25.79 -3.18 5.31
CA VAL C 42 26.10 -1.74 5.44
C VAL C 42 26.16 -0.99 4.11
N ASN C 43 26.60 -1.65 3.03
CA ASN C 43 26.64 -0.95 1.76
C ASN C 43 26.34 -1.81 0.52
N PRO C 44 25.16 -2.47 0.51
CA PRO C 44 24.80 -3.33 -0.63
C PRO C 44 24.37 -2.55 -1.84
N LEU C 45 24.45 -3.16 -3.00
CA LEU C 45 23.79 -2.63 -4.17
C LEU C 45 22.32 -2.95 -4.06
N VAL C 46 21.48 -1.94 -4.07
CA VAL C 46 20.08 -2.15 -3.82
C VAL C 46 19.41 -2.28 -5.17
N LEU C 47 18.70 -3.40 -5.39
CA LEU C 47 17.96 -3.60 -6.61
C LEU C 47 16.48 -3.30 -6.38
N ILE C 48 16.02 -2.24 -7.01
CA ILE C 48 14.64 -1.91 -6.93
C ILE C 48 13.99 -2.53 -8.14
N SER C 49 13.38 -3.68 -7.91
CA SER C 49 12.80 -4.45 -9.00
C SER C 49 11.36 -4.05 -9.17
N VAL C 50 10.94 -3.75 -10.38
CA VAL C 50 9.62 -3.19 -10.59
C VAL C 50 8.69 -4.32 -10.96
N LEU C 51 7.63 -4.50 -10.17
CA LEU C 51 6.65 -5.58 -10.40
C LEU C 51 5.64 -5.12 -11.42
N LYS C 52 5.08 -6.01 -12.23
CA LYS C 52 5.26 -7.47 -12.17
C LYS C 52 6.39 -8.04 -13.00
N GLY C 53 6.64 -7.43 -14.14
CA GLY C 53 7.31 -8.13 -15.23
C GLY C 53 8.77 -8.44 -15.01
N SER C 54 9.36 -7.82 -14.00
CA SER C 54 10.78 -7.99 -13.78
C SER C 54 11.09 -9.13 -12.75
N PHE C 55 10.06 -9.79 -12.21
CA PHE C 55 10.29 -10.77 -11.13
C PHE C 55 11.25 -11.91 -11.50
N MET C 56 11.13 -12.42 -12.72
CA MET C 56 11.93 -13.59 -13.09
C MET C 56 13.37 -13.19 -13.42
N PHE C 57 13.50 -12.08 -14.14
CA PHE C 57 14.78 -11.48 -14.42
C PHE C 57 15.51 -11.20 -13.12
N THR C 58 14.81 -10.59 -12.16
CA THR C 58 15.42 -10.21 -10.90
C THR C 58 15.95 -11.43 -10.16
N ALA C 59 15.15 -12.50 -10.14
CA ALA C 59 15.58 -13.71 -9.45
C ALA C 59 16.91 -14.24 -10.01
N ASP C 60 17.00 -14.38 -11.33
CA ASP C 60 18.22 -14.87 -12.02
C ASP C 60 19.35 -13.85 -11.89
N LEU C 61 19.03 -12.57 -12.09
CA LEU C 61 20.08 -11.55 -12.07
C LEU C 61 20.79 -11.47 -10.71
N CYS C 62 20.05 -11.50 -9.60
CA CYS C 62 20.70 -11.40 -8.30
C CYS C 62 21.51 -12.64 -7.98
N ARG C 63 21.14 -13.78 -8.55
CA ARG C 63 21.97 -14.97 -8.36
C ARG C 63 23.27 -14.89 -9.13
N ALA C 64 23.18 -14.47 -10.38
CA ALA C 64 24.35 -14.18 -11.17
C ALA C 64 25.24 -13.13 -10.50
N LEU C 65 24.64 -12.12 -9.89
CA LEU C 65 25.44 -11.08 -9.23
C LEU C 65 26.20 -11.66 -8.05
N CYS C 66 25.59 -12.68 -7.43
CA CYS C 66 26.15 -13.39 -6.29
C CYS C 66 27.36 -14.21 -6.70
N ASP C 67 27.28 -14.79 -7.89
CA ASP C 67 28.43 -15.47 -8.50
C ASP C 67 29.65 -14.52 -8.57
N PHE C 68 29.41 -13.22 -8.73
CA PHE C 68 30.51 -12.22 -8.86
C PHE C 68 30.74 -11.47 -7.56
N ASN C 69 30.31 -12.07 -6.46
CA ASN C 69 30.49 -11.52 -5.14
C ASN C 69 30.03 -10.11 -5.01
N VAL C 70 28.94 -9.76 -5.70
CA VAL C 70 28.33 -8.46 -5.52
C VAL C 70 27.21 -8.57 -4.49
N PRO C 71 27.38 -7.93 -3.32
CA PRO C 71 26.37 -8.05 -2.28
C PRO C 71 25.14 -7.20 -2.62
N VAL C 72 23.94 -7.78 -2.50
CA VAL C 72 22.76 -7.03 -2.91
C VAL C 72 21.70 -6.98 -1.83
N ARG C 73 20.85 -5.95 -1.91
CA ARG C 73 19.60 -5.83 -1.17
C ARG C 73 18.46 -5.78 -2.18
N MET C 74 17.47 -6.63 -2.00
CA MET C 74 16.37 -6.75 -2.92
C MET C 74 15.19 -5.95 -2.38
N GLU C 75 14.68 -5.00 -3.19
CA GLU C 75 13.47 -4.29 -2.88
C GLU C 75 12.56 -4.51 -4.05
N PHE C 76 11.27 -4.48 -3.78
CA PHE C 76 10.27 -4.61 -4.81
C PHE C 76 9.35 -3.43 -4.71
N ILE C 77 8.97 -2.87 -5.84
CA ILE C 77 7.94 -1.84 -5.88
C ILE C 77 6.92 -2.21 -6.93
N CYS C 78 5.72 -1.67 -6.77
CA CYS C 78 4.63 -1.98 -7.66
C CYS C 78 3.86 -0.71 -7.90
N VAL C 79 3.61 -0.40 -9.16
CA VAL C 79 2.89 0.83 -9.58
C VAL C 79 1.83 0.46 -10.58
N SER C 80 0.81 1.30 -10.76
CA SER C 80 -0.19 1.01 -11.79
C SER C 80 -0.54 2.24 -12.58
N SER C 81 -1.24 2.00 -13.67
CA SER C 81 -1.46 3.01 -14.65
C SER C 81 -2.67 3.81 -14.20
N TYR C 82 -2.63 5.13 -14.39
CA TYR C 82 -3.86 5.93 -14.28
C TYR C 82 -4.63 5.82 -15.59
N GLY C 83 -5.96 5.81 -15.50
CA GLY C 83 -6.85 5.50 -16.63
C GLY C 83 -6.79 6.43 -17.84
N GLU C 84 -5.64 6.45 -18.51
CA GLU C 84 -5.44 7.15 -19.77
C GLU C 84 -5.22 6.09 -20.85
N GLY C 85 -5.14 6.51 -22.11
CA GLY C 85 -4.46 5.71 -23.10
C GLY C 85 -3.02 5.67 -22.59
N LEU C 86 -2.43 6.87 -22.51
CA LEU C 86 -1.19 7.11 -21.75
C LEU C 86 -1.02 8.62 -21.42
N THR C 87 0.12 8.97 -20.81
CA THR C 87 0.33 10.29 -20.20
C THR C 87 1.74 10.79 -20.43
N SER C 88 1.91 12.10 -20.46
CA SER C 88 3.19 12.70 -20.83
C SER C 88 4.16 12.87 -19.64
N SER C 89 3.63 12.99 -18.41
CA SER C 89 4.48 13.02 -17.20
C SER C 89 5.05 11.64 -16.87
N GLY C 90 4.48 10.60 -17.47
CA GLY C 90 4.90 9.22 -17.19
C GLY C 90 4.62 8.79 -15.76
N GLN C 91 3.73 9.53 -15.12
CA GLN C 91 3.31 9.26 -13.76
C GLN C 91 2.55 7.96 -13.70
N VAL C 92 2.67 7.36 -12.53
CA VAL C 92 1.97 6.14 -12.20
C VAL C 92 1.62 6.24 -10.74
N ARG C 93 0.74 5.35 -10.34
CA ARG C 93 0.26 5.26 -9.00
C ARG C 93 1.12 4.30 -8.17
N MET C 94 1.58 4.76 -7.02
CA MET C 94 2.41 3.94 -6.16
C MET C 94 1.56 3.03 -5.29
N LEU C 95 1.77 1.74 -5.41
CA LEU C 95 0.98 0.80 -4.63
C LEU C 95 1.84 0.20 -3.52
N LEU C 96 3.11 -0.05 -3.84
CA LEU C 96 4.08 -0.61 -2.90
C LEU C 96 5.43 0.02 -3.12
N ASP C 97 6.06 0.41 -2.02
CA ASP C 97 7.26 1.22 -2.06
C ASP C 97 8.38 0.48 -1.36
N THR C 98 9.59 0.99 -1.38
CA THR C 98 10.69 0.24 -0.79
C THR C 98 10.56 0.13 0.73
N ARG C 99 11.05 -0.97 1.30
CA ARG C 99 10.97 -1.17 2.74
C ARG C 99 11.97 -0.33 3.48
N HIS C 100 13.14 -0.13 2.90
CA HIS C 100 14.21 0.64 3.55
C HIS C 100 14.42 1.93 2.78
N SER C 101 15.01 2.92 3.44
CA SER C 101 15.43 4.13 2.75
C SER C 101 16.58 3.83 1.77
N ILE C 102 16.63 4.56 0.64
CA ILE C 102 17.71 4.40 -0.31
C ILE C 102 18.77 5.49 -0.17
N GLU C 103 18.54 6.38 0.79
CA GLU C 103 19.50 7.48 1.02
C GLU C 103 20.92 6.98 1.26
N GLY C 104 21.86 7.45 0.45
CA GLY C 104 23.26 7.10 0.63
C GLY C 104 23.70 5.77 0.03
N HIS C 105 22.78 4.95 -0.44
CA HIS C 105 23.10 3.63 -0.98
C HIS C 105 23.32 3.68 -2.47
N HIS C 106 24.01 2.67 -3.00
CA HIS C 106 24.04 2.47 -4.46
C HIS C 106 22.79 1.71 -4.87
N VAL C 107 22.07 2.27 -5.82
CA VAL C 107 20.81 1.72 -6.20
C VAL C 107 20.80 1.37 -7.66
N LEU C 108 20.33 0.18 -7.99
CA LEU C 108 20.12 -0.23 -9.39
C LEU C 108 18.66 -0.56 -9.62
N ILE C 109 17.98 0.20 -10.47
CA ILE C 109 16.53 -0.03 -10.69
C ILE C 109 16.42 -1.11 -11.74
N VAL C 110 15.59 -2.10 -11.49
CA VAL C 110 15.48 -3.22 -12.42
C VAL C 110 14.11 -3.23 -13.07
N GLU C 111 14.09 -3.11 -14.39
CA GLU C 111 12.86 -3.05 -15.16
C GLU C 111 12.84 -4.17 -16.22
N ASP C 112 11.64 -4.59 -16.58
CA ASP C 112 11.43 -5.63 -17.60
C ASP C 112 11.61 -5.10 -19.05
N ILE C 113 10.96 -3.98 -19.36
CA ILE C 113 10.96 -3.45 -20.71
C ILE C 113 10.87 -1.92 -20.73
N VAL C 114 11.73 -1.31 -21.53
CA VAL C 114 11.71 0.15 -21.65
C VAL C 114 11.40 0.45 -23.12
N ASP C 115 10.28 1.13 -23.35
CA ASP C 115 9.90 1.59 -24.70
C ASP C 115 9.91 3.12 -24.72
N THR C 116 8.83 3.71 -24.22
CA THR C 116 8.68 5.13 -24.16
C THR C 116 9.58 5.75 -23.08
N ALA C 117 9.92 4.94 -22.07
CA ALA C 117 10.72 5.38 -20.94
C ALA C 117 10.05 6.41 -20.05
N LEU C 118 8.80 6.77 -20.32
CA LEU C 118 8.12 7.80 -19.51
C LEU C 118 8.01 7.36 -18.06
N THR C 119 7.66 6.10 -17.87
CA THR C 119 7.43 5.56 -16.55
C THR C 119 8.78 5.45 -15.88
N LEU C 120 9.71 4.81 -16.58
CA LEU C 120 11.04 4.67 -16.03
C LEU C 120 11.66 6.04 -15.67
N ASN C 121 11.49 7.04 -16.55
CA ASN C 121 12.01 8.38 -16.26
C ASN C 121 11.46 9.02 -15.01
N TYR C 122 10.17 8.82 -14.80
CA TYR C 122 9.52 9.30 -13.58
C TYR C 122 10.04 8.55 -12.32
N LEU C 123 10.13 7.23 -12.38
CA LEU C 123 10.66 6.47 -11.22
C LEU C 123 12.08 6.89 -10.93
N TYR C 124 12.92 7.00 -11.97
CA TYR C 124 14.32 7.43 -11.81
C TYR C 124 14.35 8.74 -11.06
N HIS C 125 13.60 9.70 -11.56
CA HIS C 125 13.63 10.99 -11.00
C HIS C 125 13.20 11.00 -9.53
N MET C 126 12.09 10.32 -9.23
CA MET C 126 11.62 10.16 -7.84
C MET C 126 12.71 9.53 -6.96
N TYR C 127 13.35 8.48 -7.48
CA TYR C 127 14.36 7.79 -6.71
C TYR C 127 15.56 8.70 -6.57
N PHE C 128 15.87 9.47 -7.59
CA PHE C 128 16.99 10.35 -7.49
C PHE C 128 16.80 11.33 -6.33
N THR C 129 15.62 11.91 -6.21
CA THR C 129 15.40 12.95 -5.20
C THR C 129 15.56 12.37 -3.81
N ARG C 130 15.71 11.05 -3.75
CA ARG C 130 15.87 10.38 -2.49
C ARG C 130 17.32 10.30 -2.05
N ARG C 131 18.20 10.85 -2.90
CA ARG C 131 19.61 11.03 -2.60
C ARG C 131 20.33 9.72 -2.40
N PRO C 132 20.23 8.81 -3.36
CA PRO C 132 21.15 7.66 -3.28
C PRO C 132 22.58 8.09 -3.60
N ALA C 133 23.56 7.28 -3.22
CA ALA C 133 24.93 7.60 -3.55
C ALA C 133 25.11 7.60 -5.06
N SER C 134 24.37 6.73 -5.72
CA SER C 134 24.43 6.58 -7.18
C SER C 134 23.21 5.79 -7.63
N LEU C 135 22.84 5.97 -8.88
CA LEU C 135 21.61 5.39 -9.42
C LEU C 135 21.84 4.95 -10.89
N LYS C 136 21.57 3.68 -11.17
CA LYS C 136 21.61 3.19 -12.54
C LYS C 136 20.35 2.38 -12.79
N THR C 137 20.18 1.99 -14.04
CA THR C 137 19.07 1.14 -14.40
C THR C 137 19.58 0.01 -15.27
N VAL C 138 18.98 -1.15 -15.08
CA VAL C 138 19.24 -2.29 -15.93
C VAL C 138 17.90 -2.76 -16.42
N VAL C 139 17.77 -3.08 -17.69
CA VAL C 139 16.49 -3.52 -18.26
C VAL C 139 16.69 -4.83 -18.99
N LEU C 140 15.64 -5.64 -19.00
CA LEU C 140 15.70 -6.91 -19.72
C LEU C 140 15.68 -6.68 -21.24
N LEU C 141 14.66 -5.97 -21.70
CA LEU C 141 14.50 -5.69 -23.11
C LEU C 141 14.41 -4.22 -23.34
N ASP C 142 15.20 -3.76 -24.30
CA ASP C 142 15.20 -2.35 -24.67
C ASP C 142 14.54 -2.25 -26.03
N LYS C 143 13.49 -1.46 -26.07
CA LYS C 143 12.86 -1.13 -27.31
C LYS C 143 13.16 0.36 -27.52
N ARG C 144 14.37 0.69 -28.01
CA ARG C 144 14.78 2.10 -28.11
C ARG C 144 13.99 2.84 -29.17
N GLU C 145 13.56 2.11 -30.21
CA GLU C 145 12.75 2.67 -31.28
C GLU C 145 11.58 3.54 -30.73
N GLY C 146 11.03 3.14 -29.58
CA GLY C 146 9.83 3.75 -29.02
C GLY C 146 9.97 4.96 -28.10
N ARG C 147 11.17 5.44 -27.85
CA ARG C 147 11.32 6.52 -26.83
C ARG C 147 10.46 7.74 -27.11
N ARG C 148 9.82 8.27 -26.05
CA ARG C 148 9.17 9.57 -26.09
C ARG C 148 9.81 10.50 -25.03
N VAL C 149 10.95 10.11 -24.50
CA VAL C 149 11.72 10.99 -23.57
C VAL C 149 13.13 10.42 -23.55
N PRO C 150 14.15 11.27 -23.37
CA PRO C 150 15.44 10.67 -23.66
C PRO C 150 15.95 9.91 -22.46
N PHE C 151 16.31 8.66 -22.68
CA PHE C 151 16.70 7.80 -21.61
C PHE C 151 17.52 6.61 -22.08
N SER C 152 18.73 6.50 -21.56
CA SER C 152 19.61 5.39 -21.86
C SER C 152 19.76 4.44 -20.67
N ALA C 153 19.37 3.17 -20.86
CA ALA C 153 19.60 2.18 -19.82
C ALA C 153 21.10 1.94 -19.68
N ASP C 154 21.60 1.78 -18.48
CA ASP C 154 23.03 1.48 -18.29
C ASP C 154 23.38 0.04 -18.62
N TYR C 155 22.48 -0.89 -18.35
CA TYR C 155 22.70 -2.28 -18.66
C TYR C 155 21.50 -2.78 -19.42
N VAL C 156 21.75 -3.45 -20.54
CA VAL C 156 20.67 -4.00 -21.35
C VAL C 156 20.92 -5.45 -21.67
N VAL C 157 19.91 -6.29 -21.40
CA VAL C 157 20.04 -7.71 -21.63
C VAL C 157 19.87 -8.00 -23.11
N ALA C 158 18.85 -7.41 -23.73
CA ALA C 158 18.71 -7.49 -25.17
C ALA C 158 17.84 -6.40 -25.78
N ASN C 159 18.22 -5.98 -26.99
CA ASN C 159 17.41 -5.05 -27.78
C ASN C 159 16.43 -5.82 -28.58
N ILE C 160 15.33 -5.19 -28.88
CA ILE C 160 14.30 -5.84 -29.67
C ILE C 160 13.79 -4.84 -30.71
N PRO C 161 13.03 -5.32 -31.71
CA PRO C 161 12.23 -4.41 -32.54
C PRO C 161 10.90 -4.13 -31.86
N ASN C 162 9.96 -3.54 -32.56
CA ASN C 162 8.60 -3.49 -32.06
C ASN C 162 7.95 -4.86 -32.29
N ALA C 163 7.49 -5.50 -31.22
CA ALA C 163 6.69 -6.74 -31.31
C ALA C 163 5.93 -7.05 -30.00
N PHE C 164 4.89 -7.88 -30.10
CA PHE C 164 4.26 -8.53 -28.94
C PHE C 164 5.28 -9.51 -28.36
N VAL C 165 5.96 -9.09 -27.29
CA VAL C 165 6.98 -9.91 -26.68
C VAL C 165 6.46 -10.48 -25.36
N ILE C 166 6.58 -11.80 -25.22
CA ILE C 166 6.11 -12.51 -24.04
C ILE C 166 7.09 -13.56 -23.55
N GLY C 167 6.82 -14.04 -22.34
CA GLY C 167 7.71 -14.99 -21.69
C GLY C 167 8.67 -14.34 -20.73
N TYR C 168 9.32 -15.20 -19.97
CA TYR C 168 10.32 -14.81 -19.00
C TYR C 168 9.84 -13.65 -18.15
N GLY C 169 8.59 -13.70 -17.72
CA GLY C 169 8.01 -12.67 -16.88
C GLY C 169 7.19 -11.65 -17.65
N LEU C 170 7.41 -11.52 -18.95
CA LEU C 170 6.68 -10.53 -19.72
C LEU C 170 5.34 -11.13 -20.04
N ASP C 171 4.29 -10.32 -20.00
CA ASP C 171 2.95 -10.85 -20.22
C ASP C 171 2.23 -10.33 -21.47
N TYR C 172 1.18 -11.06 -21.83
CA TYR C 172 0.04 -10.47 -22.51
C TYR C 172 -1.19 -10.78 -21.68
N ASP C 173 -1.94 -9.75 -21.32
CA ASP C 173 -3.13 -9.84 -20.45
C ASP C 173 -2.85 -10.79 -19.31
N ASP C 174 -1.82 -10.45 -18.55
CA ASP C 174 -1.36 -11.23 -17.41
C ASP C 174 -1.25 -12.73 -17.69
N THR C 175 -0.87 -13.08 -18.91
CA THR C 175 -0.68 -14.45 -19.32
C THR C 175 0.71 -14.63 -19.93
N TYR C 176 1.22 -15.86 -19.89
CA TYR C 176 2.52 -16.26 -20.42
C TYR C 176 3.77 -15.77 -19.69
N ARG C 177 3.62 -15.30 -18.46
CA ARG C 177 4.78 -14.82 -17.72
C ARG C 177 5.66 -15.98 -17.35
N GLU C 178 5.09 -17.16 -17.28
CA GLU C 178 5.83 -18.31 -16.74
C GLU C 178 6.76 -19.02 -17.71
N LEU C 179 6.79 -18.63 -19.00
CA LEU C 179 7.65 -19.30 -20.00
C LEU C 179 9.14 -19.12 -19.74
N ARG C 180 9.93 -20.14 -19.98
CA ARG C 180 11.38 -19.99 -19.83
C ARG C 180 12.06 -19.15 -20.96
N ASP C 181 11.43 -19.06 -22.12
CA ASP C 181 11.96 -18.30 -23.22
C ASP C 181 11.18 -17.00 -23.47
N ILE C 182 11.80 -16.08 -24.18
CA ILE C 182 11.18 -14.84 -24.62
C ILE C 182 10.82 -15.08 -26.06
N VAL C 183 9.54 -14.87 -26.37
CA VAL C 183 8.98 -15.32 -27.63
C VAL C 183 8.03 -14.25 -28.15
N VAL C 184 7.75 -14.30 -29.46
CA VAL C 184 6.87 -13.33 -30.10
C VAL C 184 5.49 -13.93 -30.22
N LEU C 185 4.49 -13.18 -29.77
CA LEU C 185 3.09 -13.63 -29.82
C LEU C 185 2.56 -13.64 -31.25
N ARG C 186 1.73 -14.63 -31.57
CA ARG C 186 1.00 -14.64 -32.84
C ARG C 186 -0.09 -13.55 -32.82
N PRO C 187 -0.10 -12.64 -33.82
CA PRO C 187 -1.14 -11.59 -33.84
C PRO C 187 -2.57 -12.12 -33.81
N GLU C 188 -2.76 -13.31 -34.40
CA GLU C 188 -4.05 -14.02 -34.43
C GLU C 188 -4.53 -14.31 -33.01
N VAL C 189 -3.65 -14.88 -32.21
CA VAL C 189 -3.90 -15.12 -30.79
C VAL C 189 -4.22 -13.78 -30.10
N TYR C 190 -3.54 -12.72 -30.51
CA TYR C 190 -3.79 -11.38 -29.99
C TYR C 190 -5.19 -10.89 -30.34
N ALA C 191 -5.55 -10.97 -31.62
CA ALA C 191 -6.87 -10.51 -32.07
C ALA C 191 -8.03 -11.25 -31.37
N GLU C 192 -7.91 -12.59 -31.29
CA GLU C 192 -8.95 -13.48 -30.69
C GLU C 192 -9.24 -13.15 -29.23
N ARG C 193 -8.18 -12.91 -28.46
CA ARG C 193 -8.30 -12.54 -27.06
C ARG C 193 -8.84 -11.11 -26.86
N GLU C 194 -8.49 -10.18 -27.75
CA GLU C 194 -9.05 -8.82 -27.68
C GLU C 194 -10.57 -8.87 -27.84
N ALA C 195 -11.05 -9.68 -28.79
CA ALA C 195 -12.46 -10.00 -28.93
C ALA C 195 -13.10 -10.36 -27.57
N ALA C 196 -12.59 -11.39 -26.92
CA ALA C 196 -13.11 -11.83 -25.62
C ALA C 196 -12.97 -10.73 -24.56
N GLU D 4 -29.28 25.77 0.33
CA GLU D 4 -29.88 25.68 -1.04
C GLU D 4 -28.91 25.13 -2.10
N TYR D 5 -29.38 24.20 -2.93
CA TYR D 5 -28.50 23.52 -3.88
C TYR D 5 -29.25 23.09 -5.16
N GLU D 6 -28.85 23.67 -6.28
CA GLU D 6 -29.49 23.42 -7.58
C GLU D 6 -29.56 21.97 -7.99
N PHE D 7 -28.51 21.22 -7.68
CA PHE D 7 -28.38 19.82 -8.08
C PHE D 7 -29.16 18.87 -7.16
N ALA D 8 -29.87 19.42 -6.18
CA ALA D 8 -30.45 18.62 -5.12
C ALA D 8 -31.97 18.67 -5.09
N GLU D 9 -32.61 17.50 -5.22
CA GLU D 9 -34.07 17.38 -5.06
C GLU D 9 -34.48 18.00 -3.73
N LYS D 10 -33.88 17.51 -2.64
CA LYS D 10 -34.20 17.99 -1.31
C LYS D 10 -33.04 17.78 -0.34
N ILE D 11 -33.23 18.32 0.86
CA ILE D 11 -32.31 18.14 1.96
C ILE D 11 -32.85 17.11 2.94
N LEU D 12 -32.21 15.93 3.02
CA LEU D 12 -32.59 14.92 4.00
C LEU D 12 -32.27 15.37 5.40
N PHE D 13 -31.03 15.77 5.62
CA PHE D 13 -30.57 16.12 6.95
C PHE D 13 -29.70 17.35 6.86
N THR D 14 -30.01 18.34 7.68
CA THR D 14 -29.15 19.50 7.77
C THR D 14 -27.99 19.18 8.67
N GLU D 15 -26.88 19.87 8.44
CA GLU D 15 -25.70 19.77 9.27
C GLU D 15 -26.09 19.67 10.76
N GLU D 16 -26.98 20.56 11.20
CA GLU D 16 -27.37 20.61 12.59
C GLU D 16 -28.11 19.36 13.05
N GLU D 17 -29.01 18.85 12.24
CA GLU D 17 -29.67 17.61 12.60
C GLU D 17 -28.58 16.54 12.78
N ILE D 18 -27.67 16.46 11.81
CA ILE D 18 -26.60 15.46 11.78
C ILE D 18 -25.73 15.51 13.05
N ARG D 19 -25.30 16.70 13.42
CA ARG D 19 -24.51 16.84 14.62
C ARG D 19 -25.33 16.45 15.85
N THR D 20 -26.62 16.72 15.84
CA THR D 20 -27.47 16.30 16.95
C THR D 20 -27.47 14.78 17.04
N ARG D 21 -27.70 14.09 15.93
CA ARG D 21 -27.67 12.61 15.98
C ARG D 21 -26.33 12.06 16.42
N ILE D 22 -25.23 12.69 15.96
CA ILE D 22 -23.90 12.17 16.20
C ILE D 22 -23.60 12.26 17.70
N LYS D 23 -24.12 13.32 18.32
CA LYS D 23 -23.92 13.51 19.73
C LYS D 23 -24.65 12.43 20.50
N GLU D 24 -25.85 12.09 20.05
CA GLU D 24 -26.61 10.99 20.66
C GLU D 24 -25.89 9.63 20.47
N VAL D 25 -25.50 9.31 19.25
CA VAL D 25 -24.71 8.09 19.03
C VAL D 25 -23.49 8.06 19.94
N ALA D 26 -22.75 9.17 19.94
CA ALA D 26 -21.56 9.32 20.81
C ALA D 26 -21.84 9.04 22.26
N LYS D 27 -22.90 9.63 22.81
CA LYS D 27 -23.30 9.34 24.19
C LYS D 27 -23.60 7.86 24.40
N ARG D 28 -24.34 7.27 23.45
CA ARG D 28 -24.66 5.85 23.48
C ARG D 28 -23.39 5.00 23.56
N ILE D 29 -22.40 5.27 22.70
CA ILE D 29 -21.09 4.60 22.79
C ILE D 29 -20.41 4.78 24.16
N ALA D 30 -20.39 6.02 24.66
CA ALA D 30 -19.72 6.31 25.94
C ALA D 30 -20.32 5.46 27.06
N ASP D 31 -21.64 5.33 27.02
CA ASP D 31 -22.40 4.46 27.94
C ASP D 31 -22.10 2.97 27.80
N ASP D 32 -22.03 2.50 26.56
CA ASP D 32 -21.72 1.09 26.33
C ASP D 32 -20.32 0.71 26.75
N TYR D 33 -19.35 1.61 26.67
CA TYR D 33 -17.98 1.25 27.00
C TYR D 33 -17.51 1.68 28.41
N LYS D 34 -18.39 2.23 29.25
CA LYS D 34 -17.97 2.68 30.56
C LYS D 34 -17.51 1.52 31.46
N GLY D 35 -18.17 0.36 31.35
CA GLY D 35 -17.71 -0.83 32.09
C GLY D 35 -16.36 -1.40 31.67
N LYS D 36 -15.86 -0.98 30.51
CA LYS D 36 -14.75 -1.65 29.81
C LYS D 36 -13.34 -1.13 30.10
N GLY D 37 -13.22 -0.05 30.87
CA GLY D 37 -11.91 0.46 31.29
C GLY D 37 -11.03 1.02 30.19
N LEU D 38 -11.62 1.75 29.24
CA LEU D 38 -10.82 2.38 28.19
C LEU D 38 -9.86 3.34 28.84
N ARG D 39 -8.64 3.41 28.31
CA ARG D 39 -7.64 4.35 28.83
C ARG D 39 -6.74 4.76 27.68
N PRO D 40 -6.29 6.02 27.69
CA PRO D 40 -5.43 6.46 26.60
C PRO D 40 -4.14 5.70 26.54
N TYR D 41 -3.53 5.67 25.37
CA TYR D 41 -2.33 4.86 25.11
C TYR D 41 -2.54 3.34 25.23
N VAL D 42 -2.93 2.91 26.42
CA VAL D 42 -3.00 1.46 26.75
C VAL D 42 -4.29 0.81 26.30
N ASN D 43 -5.43 1.48 26.40
CA ASN D 43 -6.67 0.82 25.97
C ASN D 43 -7.74 1.70 25.29
N PRO D 44 -7.35 2.41 24.23
CA PRO D 44 -8.33 3.30 23.57
C PRO D 44 -9.36 2.51 22.76
N LEU D 45 -10.49 3.12 22.52
CA LEU D 45 -11.39 2.63 21.51
C LEU D 45 -10.80 2.97 20.14
N VAL D 46 -10.57 1.96 19.33
CA VAL D 46 -9.90 2.13 18.06
C VAL D 46 -10.98 2.34 17.02
N LEU D 47 -10.95 3.46 16.31
CA LEU D 47 -11.89 3.68 15.20
C LEU D 47 -11.22 3.34 13.88
N ILE D 48 -11.76 2.36 13.18
CA ILE D 48 -11.20 2.05 11.91
C ILE D 48 -12.11 2.68 10.91
N SER D 49 -11.66 3.78 10.39
CA SER D 49 -12.52 4.59 9.56
C SER D 49 -12.25 4.19 8.13
N VAL D 50 -13.28 3.84 7.40
CA VAL D 50 -13.10 3.34 6.05
C VAL D 50 -13.17 4.51 5.12
N LEU D 51 -12.14 4.68 4.29
CA LEU D 51 -12.08 5.78 3.31
C LEU D 51 -12.77 5.36 2.05
N LYS D 52 -13.19 6.30 1.19
CA LYS D 52 -13.19 7.75 1.41
C LYS D 52 -14.38 8.33 2.19
N GLY D 53 -15.55 7.74 2.00
CA GLY D 53 -16.81 8.35 2.37
C GLY D 53 -17.01 8.70 3.84
N SER D 54 -16.31 8.03 4.72
CA SER D 54 -16.49 8.25 6.15
C SER D 54 -15.59 9.37 6.75
N PHE D 55 -14.76 10.04 5.94
CA PHE D 55 -13.76 10.97 6.51
C PHE D 55 -14.37 12.10 7.37
N MET D 56 -15.44 12.70 6.87
CA MET D 56 -16.08 13.81 7.59
C MET D 56 -16.85 13.36 8.84
N PHE D 57 -17.51 12.22 8.71
CA PHE D 57 -18.25 11.65 9.78
C PHE D 57 -17.30 11.37 10.90
N THR D 58 -16.12 10.89 10.54
CA THR D 58 -15.16 10.41 11.52
C THR D 58 -14.57 11.57 12.30
N ALA D 59 -14.31 12.66 11.58
CA ALA D 59 -13.78 13.89 12.20
C ALA D 59 -14.76 14.42 13.26
N ASP D 60 -16.03 14.52 12.90
CA ASP D 60 -17.06 15.00 13.85
C ASP D 60 -17.32 13.98 14.96
N LEU D 61 -17.41 12.70 14.58
CA LEU D 61 -17.67 11.64 15.57
C LEU D 61 -16.60 11.54 16.65
N CYS D 62 -15.33 11.68 16.29
CA CYS D 62 -14.30 11.45 17.31
C CYS D 62 -14.22 12.65 18.23
N ARG D 63 -14.69 13.80 17.74
CA ARG D 63 -14.71 15.00 18.58
C ARG D 63 -15.87 14.88 19.56
N ALA D 64 -17.02 14.44 19.06
CA ALA D 64 -18.14 14.16 19.94
C ALA D 64 -17.77 13.08 20.96
N LEU D 65 -17.02 12.06 20.57
CA LEU D 65 -16.63 11.03 21.55
C LEU D 65 -15.73 11.61 22.64
N CYS D 66 -14.90 12.58 22.25
CA CYS D 66 -13.99 13.29 23.17
C CYS D 66 -14.73 14.15 24.20
N ASP D 67 -15.88 14.68 23.80
CA ASP D 67 -16.76 15.42 24.71
C ASP D 67 -17.23 14.51 25.82
N PHE D 68 -17.33 13.22 25.51
CA PHE D 68 -17.81 12.22 26.48
C PHE D 68 -16.69 11.47 27.14
N ASN D 69 -15.48 12.04 27.09
CA ASN D 69 -14.29 11.42 27.62
C ASN D 69 -14.09 9.99 27.17
N VAL D 70 -14.35 9.70 25.90
CA VAL D 70 -14.04 8.39 25.38
C VAL D 70 -12.73 8.45 24.64
N PRO D 71 -11.69 7.81 25.17
CA PRO D 71 -10.36 7.96 24.56
C PRO D 71 -10.29 7.11 23.31
N VAL D 72 -9.88 7.70 22.18
CA VAL D 72 -9.87 6.94 20.96
C VAL D 72 -8.53 6.89 20.31
N ARG D 73 -8.36 5.93 19.40
CA ARG D 73 -7.24 5.83 18.46
C ARG D 73 -7.80 5.78 17.01
N MET D 74 -7.24 6.61 16.14
CA MET D 74 -7.76 6.80 14.79
C MET D 74 -6.90 6.00 13.78
N GLU D 75 -7.55 5.11 13.04
CA GLU D 75 -6.93 4.34 11.99
C GLU D 75 -7.76 4.55 10.77
N PHE D 76 -7.10 4.53 9.62
CA PHE D 76 -7.79 4.72 8.36
C PHE D 76 -7.38 3.63 7.43
N ILE D 77 -8.36 3.00 6.79
CA ILE D 77 -8.09 1.96 5.83
C ILE D 77 -8.78 2.32 4.53
N CYS D 78 -8.27 1.75 3.44
CA CYS D 78 -8.74 2.08 2.11
C CYS D 78 -8.79 0.85 1.26
N VAL D 79 -9.97 0.56 0.69
CA VAL D 79 -10.16 -0.65 -0.11
C VAL D 79 -10.74 -0.22 -1.43
N SER D 80 -10.69 -1.09 -2.42
CA SER D 80 -11.30 -0.76 -3.70
C SER D 80 -11.95 -1.98 -4.27
N SER D 81 -12.79 -1.74 -5.23
CA SER D 81 -13.67 -2.73 -5.78
C SER D 81 -12.86 -3.51 -6.81
N TYR D 82 -13.04 -4.82 -6.87
CA TYR D 82 -12.60 -5.56 -8.05
C TYR D 82 -13.65 -5.40 -9.16
N GLY D 83 -13.19 -5.18 -10.39
CA GLY D 83 -14.09 -4.92 -11.52
C GLY D 83 -14.95 -6.09 -11.95
N GLU D 84 -15.76 -6.59 -11.00
CA GLU D 84 -16.84 -7.53 -11.25
C GLU D 84 -18.09 -6.69 -11.31
N GLY D 85 -19.11 -7.14 -12.05
CA GLY D 85 -20.42 -6.49 -11.99
C GLY D 85 -20.86 -6.33 -10.54
N LEU D 86 -20.75 -7.43 -9.78
CA LEU D 86 -21.15 -7.50 -8.37
C LEU D 86 -20.67 -8.86 -7.80
N THR D 87 -20.12 -8.84 -6.60
CA THR D 87 -19.49 -10.04 -6.02
C THR D 87 -20.24 -10.53 -4.79
N SER D 88 -20.32 -11.85 -4.63
CA SER D 88 -21.05 -12.44 -3.51
C SER D 88 -20.20 -12.66 -2.23
N SER D 89 -18.88 -12.66 -2.32
CA SER D 89 -18.02 -12.70 -1.10
C SER D 89 -17.94 -11.35 -0.39
N GLY D 90 -18.24 -10.26 -1.11
CA GLY D 90 -18.07 -8.91 -0.56
C GLY D 90 -16.61 -8.57 -0.36
N GLN D 91 -15.78 -9.13 -1.22
CA GLN D 91 -14.34 -8.93 -1.20
C GLN D 91 -13.98 -7.62 -1.86
N VAL D 92 -12.91 -7.06 -1.34
CA VAL D 92 -12.40 -5.83 -1.84
C VAL D 92 -10.91 -5.92 -1.72
N ARG D 93 -10.25 -5.07 -2.49
CA ARG D 93 -8.81 -5.02 -2.55
C ARG D 93 -8.25 -4.10 -1.48
N MET D 94 -7.27 -4.58 -0.71
CA MET D 94 -6.67 -3.81 0.36
C MET D 94 -5.57 -2.88 -0.12
N LEU D 95 -5.80 -1.59 -0.03
CA LEU D 95 -4.83 -0.62 -0.47
C LEU D 95 -4.08 -0.09 0.71
N LEU D 96 -4.77 0.15 1.84
CA LEU D 96 -4.15 0.73 3.04
C LEU D 96 -4.77 0.15 4.28
N ASP D 97 -3.93 -0.30 5.19
CA ASP D 97 -4.36 -1.16 6.31
C ASP D 97 -3.98 -0.46 7.59
N THR D 98 -4.43 -0.93 8.74
CA THR D 98 -4.17 -0.22 10.00
C THR D 98 -2.67 -0.13 10.29
N ARG D 99 -2.27 0.90 11.04
CA ARG D 99 -0.89 1.11 11.39
C ARG D 99 -0.52 0.25 12.56
N HIS D 100 -1.44 0.06 13.48
CA HIS D 100 -1.11 -0.72 14.67
C HIS D 100 -1.95 -1.97 14.66
N SER D 101 -1.50 -2.99 15.38
CA SER D 101 -2.27 -4.20 15.57
C SER D 101 -3.51 -3.88 16.40
N ILE D 102 -4.63 -4.54 16.07
CA ILE D 102 -5.86 -4.38 16.82
C ILE D 102 -6.08 -5.49 17.86
N GLU D 103 -5.12 -6.40 17.95
CA GLU D 103 -5.24 -7.53 18.87
C GLU D 103 -5.49 -7.09 20.31
N GLY D 104 -6.59 -7.55 20.89
CA GLY D 104 -6.87 -7.28 22.30
C GLY D 104 -7.43 -5.89 22.61
N HIS D 105 -7.58 -5.04 21.59
CA HIS D 105 -8.18 -3.70 21.73
C HIS D 105 -9.67 -3.71 21.43
N HIS D 106 -10.37 -2.72 21.94
CA HIS D 106 -11.76 -2.51 21.53
C HIS D 106 -11.78 -1.71 20.27
N VAL D 107 -12.49 -2.23 19.29
CA VAL D 107 -12.45 -1.71 17.96
C VAL D 107 -13.85 -1.33 17.53
N LEU D 108 -13.97 -0.14 16.97
CA LEU D 108 -15.20 0.30 16.34
C LEU D 108 -14.97 0.64 14.87
N ILE D 109 -15.55 -0.14 13.96
CA ILE D 109 -15.39 0.16 12.55
C ILE D 109 -16.36 1.25 12.17
N VAL D 110 -15.89 2.25 11.45
CA VAL D 110 -16.73 3.38 11.07
C VAL D 110 -16.90 3.40 9.57
N GLU D 111 -18.14 3.27 9.13
CA GLU D 111 -18.47 3.23 7.71
C GLU D 111 -19.43 4.35 7.36
N ASP D 112 -19.43 4.74 6.08
CA ASP D 112 -20.32 5.82 5.59
C ASP D 112 -21.78 5.34 5.27
N ILE D 113 -21.90 4.29 4.46
CA ILE D 113 -23.19 3.79 4.08
C ILE D 113 -23.16 2.26 4.03
N VAL D 114 -24.18 1.63 4.61
CA VAL D 114 -24.33 0.18 4.54
C VAL D 114 -25.66 -0.12 3.81
N ASP D 115 -25.56 -0.80 2.66
CA ASP D 115 -26.74 -1.28 1.91
C ASP D 115 -26.68 -2.80 1.87
N THR D 116 -25.82 -3.32 1.02
CA THR D 116 -25.72 -4.75 0.83
C THR D 116 -25.03 -5.39 2.01
N ALA D 117 -24.16 -4.62 2.66
CA ALA D 117 -23.34 -5.08 3.78
C ALA D 117 -22.30 -6.14 3.40
N LEU D 118 -22.19 -6.45 2.12
CA LEU D 118 -21.27 -7.51 1.71
C LEU D 118 -19.86 -7.10 2.08
N THR D 119 -19.51 -5.86 1.75
CA THR D 119 -18.17 -5.37 1.97
C THR D 119 -17.96 -5.25 3.47
N LEU D 120 -18.89 -4.58 4.14
CA LEU D 120 -18.76 -4.46 5.57
C LEU D 120 -18.62 -5.82 6.26
N ASN D 121 -19.41 -6.82 5.85
CA ASN D 121 -19.29 -8.15 6.46
C ASN D 121 -17.94 -8.81 6.27
N TYR D 122 -17.37 -8.59 5.10
CA TYR D 122 -16.03 -9.07 4.79
C TYR D 122 -14.96 -8.42 5.66
N LEU D 123 -15.01 -7.09 5.77
CA LEU D 123 -14.08 -6.36 6.65
C LEU D 123 -14.26 -6.81 8.09
N TYR D 124 -15.52 -6.86 8.56
CA TYR D 124 -15.82 -7.26 9.95
C TYR D 124 -15.18 -8.60 10.22
N HIS D 125 -15.45 -9.54 9.33
CA HIS D 125 -14.91 -10.86 9.53
C HIS D 125 -13.38 -10.87 9.55
N MET D 126 -12.76 -10.15 8.61
CA MET D 126 -11.30 -10.01 8.56
C MET D 126 -10.76 -9.44 9.88
N TYR D 127 -11.41 -8.40 10.37
CA TYR D 127 -10.96 -7.71 11.59
C TYR D 127 -11.23 -8.59 12.80
N PHE D 128 -12.31 -9.35 12.77
CA PHE D 128 -12.54 -10.29 13.84
C PHE D 128 -11.40 -11.29 14.00
N THR D 129 -10.93 -11.85 12.90
CA THR D 129 -9.95 -12.95 13.01
C THR D 129 -8.64 -12.41 13.54
N ARG D 130 -8.62 -11.10 13.74
CA ARG D 130 -7.44 -10.43 14.25
C ARG D 130 -7.46 -10.34 15.76
N ARG D 131 -8.56 -10.79 16.35
CA ARG D 131 -8.68 -10.99 17.77
C ARG D 131 -8.71 -9.70 18.56
N PRO D 132 -9.60 -8.78 18.19
CA PRO D 132 -9.81 -7.68 19.11
C PRO D 132 -10.54 -8.16 20.36
N ALA D 133 -10.47 -7.38 21.44
CA ALA D 133 -11.24 -7.70 22.64
C ALA D 133 -12.74 -7.68 22.32
N SER D 134 -13.11 -6.73 21.46
CA SER D 134 -14.51 -6.58 21.04
C SER D 134 -14.53 -5.81 19.73
N LEU D 135 -15.61 -5.99 18.97
CA LEU D 135 -15.76 -5.37 17.67
C LEU D 135 -17.20 -4.91 17.48
N LYS D 136 -17.40 -3.67 17.07
CA LYS D 136 -18.72 -3.15 16.73
C LYS D 136 -18.58 -2.30 15.48
N THR D 137 -19.70 -1.82 14.97
CA THR D 137 -19.64 -0.97 13.80
C THR D 137 -20.59 0.19 14.03
N VAL D 138 -20.23 1.35 13.51
CA VAL D 138 -21.12 2.47 13.52
C VAL D 138 -21.22 2.94 12.08
N VAL D 139 -22.39 3.34 11.64
CA VAL D 139 -22.54 3.72 10.23
C VAL D 139 -23.24 5.04 10.17
N LEU D 140 -22.97 5.80 9.13
CA LEU D 140 -23.58 7.11 9.02
C LEU D 140 -25.04 6.91 8.60
N LEU D 141 -25.21 6.18 7.51
CA LEU D 141 -26.51 5.95 6.92
C LEU D 141 -26.74 4.48 6.75
N ASP D 142 -27.91 4.05 7.20
CA ASP D 142 -28.31 2.66 7.05
C ASP D 142 -29.41 2.60 6.02
N LYS D 143 -29.18 1.81 5.00
CA LYS D 143 -30.16 1.49 4.00
C LYS D 143 -30.43 0.00 4.21
N ARG D 144 -31.36 -0.34 5.12
CA ARG D 144 -31.54 -1.77 5.48
C ARG D 144 -32.30 -2.50 4.41
N GLU D 145 -33.11 -1.75 3.68
CA GLU D 145 -33.85 -2.26 2.55
C GLU D 145 -32.94 -3.12 1.65
N GLY D 146 -31.66 -2.73 1.54
CA GLY D 146 -30.73 -3.26 0.55
C GLY D 146 -29.96 -4.53 0.86
N ARG D 147 -30.08 -5.08 2.05
CA ARG D 147 -29.17 -6.16 2.45
C ARG D 147 -29.17 -7.37 1.53
N ARG D 148 -27.98 -7.92 1.26
CA ARG D 148 -27.82 -9.22 0.62
C ARG D 148 -27.01 -10.15 1.55
N VAL D 149 -26.85 -9.76 2.81
CA VAL D 149 -26.23 -10.64 3.83
C VAL D 149 -26.71 -10.11 5.18
N PRO D 150 -26.77 -10.97 6.21
CA PRO D 150 -27.39 -10.39 7.40
C PRO D 150 -26.38 -9.63 8.22
N PHE D 151 -26.72 -8.38 8.50
CA PHE D 151 -25.82 -7.51 9.19
C PHE D 151 -26.52 -6.35 9.86
N SER D 152 -26.35 -6.25 11.17
CA SER D 152 -26.94 -5.16 11.97
C SER D 152 -25.86 -4.23 12.49
N ALA D 153 -25.91 -2.97 12.10
CA ALA D 153 -24.95 -1.99 12.63
C ALA D 153 -25.29 -1.73 14.10
N ASP D 154 -24.27 -1.57 14.94
CA ASP D 154 -24.51 -1.31 16.36
C ASP D 154 -24.91 0.12 16.60
N TYR D 155 -24.39 1.04 15.80
CA TYR D 155 -24.77 2.42 15.95
C TYR D 155 -25.11 2.97 14.59
N VAL D 156 -26.27 3.63 14.50
CA VAL D 156 -26.72 4.21 13.21
C VAL D 156 -27.11 5.66 13.34
N VAL D 157 -26.47 6.51 12.55
CA VAL D 157 -26.74 7.94 12.60
C VAL D 157 -28.12 8.24 12.03
N ALA D 158 -28.41 7.66 10.88
CA ALA D 158 -29.75 7.80 10.32
C ALA D 158 -30.08 6.75 9.28
N ASN D 159 -31.36 6.34 9.28
CA ASN D 159 -31.89 5.43 8.26
C ASN D 159 -32.38 6.22 7.09
N ILE D 160 -32.31 5.59 5.93
CA ILE D 160 -32.71 6.25 4.71
C ILE D 160 -33.49 5.25 3.87
N PRO D 161 -34.18 5.73 2.83
CA PRO D 161 -34.75 4.82 1.82
C PRO D 161 -33.68 4.45 0.77
N ASN D 162 -34.09 4.01 -0.42
CA ASN D 162 -33.16 3.96 -1.53
C ASN D 162 -33.15 5.34 -2.18
N ALA D 163 -31.96 5.93 -2.36
CA ALA D 163 -31.80 7.20 -3.10
C ALA D 163 -30.33 7.53 -3.41
N PHE D 164 -30.12 8.30 -4.48
CA PHE D 164 -28.84 8.98 -4.72
C PHE D 164 -28.58 9.90 -3.54
N VAL D 165 -27.84 9.41 -2.56
CA VAL D 165 -27.51 10.21 -1.40
C VAL D 165 -26.09 10.77 -1.50
N ILE D 166 -26.00 12.10 -1.37
CA ILE D 166 -24.72 12.82 -1.45
C ILE D 166 -24.55 13.82 -0.31
N GLY D 167 -23.30 14.26 -0.14
CA GLY D 167 -22.97 15.23 0.91
C GLY D 167 -22.38 14.59 2.14
N TYR D 168 -21.80 15.44 2.99
CA TYR D 168 -21.20 15.04 4.25
C TYR D 168 -20.25 13.87 4.09
N GLY D 169 -19.39 13.94 3.08
CA GLY D 169 -18.46 12.87 2.79
C GLY D 169 -18.91 11.97 1.66
N LEU D 170 -20.22 11.88 1.43
CA LEU D 170 -20.72 10.89 0.48
C LEU D 170 -20.65 11.47 -0.92
N ASP D 171 -20.36 10.63 -1.91
CA ASP D 171 -20.14 11.14 -3.28
C ASP D 171 -21.10 10.65 -4.36
N TYR D 172 -21.14 11.41 -5.43
CA TYR D 172 -21.44 10.88 -6.74
C TYR D 172 -20.26 11.22 -7.67
N ASP D 173 -19.61 10.17 -8.16
CA ASP D 173 -18.43 10.30 -9.03
C ASP D 173 -17.45 11.26 -8.37
N ASP D 174 -17.08 10.91 -7.14
CA ASP D 174 -16.14 11.67 -6.34
C ASP D 174 -16.46 13.18 -6.31
N THR D 175 -17.74 13.52 -6.36
CA THR D 175 -18.16 14.90 -6.32
C THR D 175 -19.15 15.12 -5.16
N TYR D 176 -19.25 16.36 -4.70
CA TYR D 176 -20.13 16.74 -3.59
C TYR D 176 -19.83 16.13 -2.22
N ARG D 177 -18.60 15.68 -1.98
CA ARG D 177 -18.30 15.15 -0.65
C ARG D 177 -18.22 16.28 0.34
N GLU D 178 -18.04 17.50 -0.16
CA GLU D 178 -17.70 18.63 0.72
C GLU D 178 -18.88 19.31 1.37
N LEU D 179 -20.09 19.03 0.92
CA LEU D 179 -21.30 19.66 1.43
C LEU D 179 -21.49 19.45 2.92
N ARG D 180 -22.06 20.42 3.59
CA ARG D 180 -22.31 20.26 5.01
C ARG D 180 -23.57 19.42 5.29
N ASP D 181 -24.51 19.39 4.35
CA ASP D 181 -25.74 18.62 4.53
C ASP D 181 -25.76 17.35 3.69
N ILE D 182 -26.61 16.40 4.09
CA ILE D 182 -26.85 15.18 3.32
C ILE D 182 -28.08 15.48 2.53
N VAL D 183 -28.03 15.24 1.23
CA VAL D 183 -29.03 15.72 0.31
C VAL D 183 -29.27 14.72 -0.79
N VAL D 184 -30.40 14.86 -1.49
CA VAL D 184 -30.73 13.92 -2.55
C VAL D 184 -30.40 14.52 -3.92
N LEU D 185 -29.66 13.75 -4.71
CA LEU D 185 -29.27 14.20 -6.03
C LEU D 185 -30.52 14.26 -6.92
N ARG D 186 -30.54 15.22 -7.84
CA ARG D 186 -31.53 15.21 -8.92
C ARG D 186 -31.19 14.09 -9.92
N PRO D 187 -32.18 13.25 -10.30
CA PRO D 187 -31.89 12.18 -11.29
C PRO D 187 -31.43 12.71 -12.67
N GLU D 188 -31.89 13.93 -13.00
CA GLU D 188 -31.49 14.67 -14.21
C GLU D 188 -29.98 14.88 -14.22
N VAL D 189 -29.47 15.46 -13.14
CA VAL D 189 -28.03 15.68 -12.95
C VAL D 189 -27.29 14.35 -13.04
N TYR D 190 -27.88 13.30 -12.46
CA TYR D 190 -27.33 11.96 -12.58
C TYR D 190 -27.22 11.51 -14.03
N ALA D 191 -28.33 11.57 -14.76
CA ALA D 191 -28.37 11.16 -16.16
C ALA D 191 -27.32 11.91 -17.01
N GLU D 192 -27.29 13.25 -16.87
CA GLU D 192 -26.26 14.10 -17.52
C GLU D 192 -24.86 13.72 -17.04
#